data_6XVP
#
_entry.id   6XVP
#
_cell.length_a   108.089
_cell.length_b   108.089
_cell.length_c   112.826
_cell.angle_alpha   90.000
_cell.angle_beta   90.000
_cell.angle_gamma   120.000
#
_symmetry.space_group_name_H-M   'P 32 2 1'
#
loop_
_entity.id
_entity.type
_entity.pdbx_description
1 polymer Neprilysin
2 non-polymer 'ZINC ION'
3 non-polymer Sampatrilat
4 non-polymer 2-acetamido-2-deoxy-beta-D-glucopyranose
5 non-polymer 1,2-ETHANEDIOL
6 water water
#
_entity_poly.entity_id   1
_entity_poly.type   'polypeptide(L)'
_entity_poly.pdbx_seq_one_letter_code
;YDDGICKSSDCIKSAARLIQNMDATTEPCTDFFKYACGGWLKRNVIPETSSRYGNFDILRDELEVVLKDVLQEPKTEDIV
AVQKAKALYRSCINESAIDSRGGEPLLKLLPDIYGWPVATENWEQKYGASWTAEKAIAQLNSKYGKKVLINLFVGTDDKN
SVNHVIHIDQPRLGLPSRDYYECTGIYKEACTAYVDFMISVARLIRQEERLPIDENQLALEMNKVMELEKEIANATAKPE
DRNDPMLLYNKMTLAQIQNNFSLEINGKPFSWLNFTNEIMSTVNISITNEEDVVVYAPEYLTKLKPILTKYSARDLQNLM
SWRFIMDLVSSLSRTYKESRNAFRKALYGTTSETATWRRCANYVNGNMENAVGRLYVEAAFAGESKHVVEDLIAQIREVF
IQTLDDLTWMDAETKKRAEEKALAIKERIGYPDDIVSNDNKLNNEYLELNYKEDEYFENIIQNLKFSQSKQLKKLREKVD
KDEWISGAAVVNAFYSSGRNQIVFPAGILQPPFFSAQQSNSLNYGGIGMVIGHEITHGFDDNGRNFNKDGDLVDWWTQQS
ASNFKEQSQCMVYQYGNFSWDLAGGQHLNGINTLGENIADNGGLGQAYRAYQNYIKKNGEEKLLPGLDLNHKQLFFLNFA
QVWCGTYRPEYAVNSIKTDVHSPGNFRIIGTLQNSAEFSEAFHCRKNSYMNPEKKCRVW
;
_entity_poly.pdbx_strand_id   A
#
loop_
_chem_comp.id
_chem_comp.type
_chem_comp.name
_chem_comp.formula
D0Z non-polymer Sampatrilat 'C26 H40 N4 O9 S'
EDO non-polymer 1,2-ETHANEDIOL 'C2 H6 O2'
NAG D-saccharide, beta linking 2-acetamido-2-deoxy-beta-D-glucopyranose 'C8 H15 N O6'
ZN non-polymer 'ZINC ION' 'Zn 2'
#
# COMPACT_ATOMS: atom_id res chain seq x y z
N GLY A 4 -27.78 31.14 18.76
CA GLY A 4 -27.52 30.78 17.37
C GLY A 4 -26.53 29.64 17.20
N ILE A 5 -26.89 28.46 17.70
CA ILE A 5 -26.00 27.31 17.72
C ILE A 5 -26.77 26.08 17.23
N CYS A 6 -26.08 25.21 16.49
CA CYS A 6 -26.67 23.95 16.08
C CYS A 6 -26.74 22.99 17.27
N LYS A 7 -27.89 22.34 17.43
CA LYS A 7 -28.09 21.41 18.54
C LYS A 7 -28.64 20.07 18.07
N SER A 8 -28.46 19.72 16.79
CA SER A 8 -28.98 18.47 16.29
C SER A 8 -28.18 17.30 16.86
N SER A 9 -28.78 16.11 16.80
CA SER A 9 -28.10 14.91 17.24
C SER A 9 -26.75 14.76 16.54
N ASP A 10 -26.69 15.09 15.24
CA ASP A 10 -25.46 14.91 14.49
C ASP A 10 -24.43 15.98 14.83
N CYS A 11 -24.88 17.21 15.08
CA CYS A 11 -23.97 18.24 15.57
C CYS A 11 -23.36 17.87 16.91
N ILE A 12 -24.16 17.24 17.78
CA ILE A 12 -23.70 16.94 19.13
C ILE A 12 -22.60 15.87 19.11
N LYS A 13 -22.76 14.85 18.26
CA LYS A 13 -21.72 13.83 18.17
C LYS A 13 -20.43 14.41 17.60
N SER A 14 -20.54 15.29 16.59
CA SER A 14 -19.38 15.98 16.07
C SER A 14 -18.65 16.72 17.19
N ALA A 15 -19.37 17.54 17.95
CA ALA A 15 -18.73 18.34 18.99
C ALA A 15 -18.09 17.44 20.05
N ALA A 16 -18.82 16.43 20.51
CA ALA A 16 -18.30 15.54 21.53
C ALA A 16 -17.00 14.88 21.07
N ARG A 17 -16.98 14.37 19.84
CA ARG A 17 -15.77 13.75 19.32
C ARG A 17 -14.64 14.76 19.23
N LEU A 18 -14.93 15.99 18.80
CA LEU A 18 -13.89 17.01 18.67
C LEU A 18 -13.32 17.38 20.04
N ILE A 19 -14.21 17.64 21.00
CA ILE A 19 -13.77 18.04 22.34
C ILE A 19 -12.94 16.94 22.99
N GLN A 20 -13.47 15.71 22.95
CA GLN A 20 -12.80 14.60 23.64
C GLN A 20 -11.42 14.35 23.07
N ASN A 21 -11.22 14.59 21.77
CA ASN A 21 -9.94 14.29 21.16
C ASN A 21 -8.90 15.39 21.35
N MET A 22 -9.34 16.63 21.52
CA MET A 22 -8.41 17.77 21.56
C MET A 22 -7.89 18.03 22.97
N ASP A 23 -6.83 18.82 23.06
CA ASP A 23 -6.21 19.23 24.31
C ASP A 23 -6.09 20.75 24.30
N ALA A 24 -7.08 21.43 24.86
CA ALA A 24 -7.12 22.89 24.79
C ALA A 24 -6.05 23.57 25.64
N THR A 25 -5.49 22.87 26.63
CA THR A 25 -4.43 23.46 27.45
C THR A 25 -3.11 23.56 26.72
N THR A 26 -3.07 23.20 25.45
CA THR A 26 -1.92 23.42 24.57
C THR A 26 -2.22 24.60 23.66
N GLU A 27 -1.15 25.31 23.29
CA GLU A 27 -1.30 26.48 22.42
C GLU A 27 -1.37 26.03 20.96
N PRO A 28 -2.42 26.41 20.21
CA PRO A 28 -2.49 25.98 18.80
C PRO A 28 -1.28 26.37 17.98
N CYS A 29 -0.60 27.45 18.34
CA CYS A 29 0.49 27.98 17.53
C CYS A 29 1.86 27.45 17.96
N THR A 30 1.91 26.68 19.04
CA THR A 30 3.14 26.01 19.44
C THR A 30 3.21 24.59 18.91
N ASP A 31 2.09 23.86 18.96
CA ASP A 31 2.06 22.47 18.51
C ASP A 31 0.58 22.12 18.26
N PHE A 32 0.15 22.21 17.00
CA PHE A 32 -1.25 21.95 16.71
C PHE A 32 -1.58 20.46 16.74
N PHE A 33 -0.59 19.59 16.57
CA PHE A 33 -0.81 18.16 16.74
C PHE A 33 -1.35 17.88 18.15
N LYS A 34 -0.65 18.35 19.18
CA LYS A 34 -1.05 18.09 20.56
C LYS A 34 -2.35 18.82 20.89
N TYR A 35 -2.55 20.02 20.34
CA TYR A 35 -3.79 20.74 20.57
C TYR A 35 -4.98 19.98 20.00
N ALA A 36 -4.83 19.43 18.78
CA ALA A 36 -5.92 18.75 18.11
C ALA A 36 -6.06 17.29 18.54
N CYS A 37 -4.99 16.68 19.03
CA CYS A 37 -4.97 15.25 19.31
C CYS A 37 -4.51 14.91 20.71
N GLY A 38 -4.20 15.90 21.55
CA GLY A 38 -3.70 15.60 22.88
C GLY A 38 -4.68 14.79 23.70
N GLY A 39 -5.97 15.16 23.65
CA GLY A 39 -6.97 14.40 24.38
C GLY A 39 -6.98 12.94 23.99
N TRP A 40 -6.89 12.66 22.69
CA TRP A 40 -6.96 11.28 22.22
C TRP A 40 -5.72 10.48 22.65
N LEU A 41 -4.54 11.07 22.54
CA LEU A 41 -3.32 10.34 22.88
C LEU A 41 -3.29 9.94 24.34
N LYS A 42 -3.75 10.83 25.23
CA LYS A 42 -3.70 10.53 26.64
C LYS A 42 -4.67 9.40 27.00
N ARG A 43 -5.78 9.30 26.29
CA ARG A 43 -6.81 8.31 26.63
C ARG A 43 -6.48 6.92 26.10
N ASN A 44 -5.70 6.83 25.03
CA ASN A 44 -5.51 5.58 24.31
C ASN A 44 -4.09 5.06 24.46
N VAL A 45 -3.95 3.75 24.31
CA VAL A 45 -2.67 3.06 24.20
C VAL A 45 -2.75 2.15 22.98
N ILE A 46 -1.64 1.99 22.28
CA ILE A 46 -1.66 1.14 21.08
C ILE A 46 -2.02 -0.28 21.51
N PRO A 47 -2.98 -0.94 20.86
CA PRO A 47 -3.25 -2.34 21.20
C PRO A 47 -2.01 -3.20 20.97
N GLU A 48 -1.97 -4.33 21.67
CA GLU A 48 -0.84 -5.24 21.53
C GLU A 48 -0.75 -5.84 20.13
N THR A 49 -1.84 -5.79 19.35
CA THR A 49 -1.88 -6.37 18.03
C THR A 49 -1.69 -5.33 16.92
N SER A 50 -1.45 -4.07 17.27
CA SER A 50 -1.33 -3.00 16.30
C SER A 50 0.09 -2.43 16.32
N SER A 51 0.63 -2.16 15.14
CA SER A 51 1.90 -1.45 15.03
C SER A 51 1.71 0.05 15.07
N ARG A 52 0.59 0.56 14.55
CA ARG A 52 0.20 1.95 14.72
C ARG A 52 -1.28 2.00 15.02
N TYR A 53 -1.72 3.11 15.61
CA TYR A 53 -3.10 3.26 16.04
C TYR A 53 -3.51 4.72 15.93
N GLY A 54 -4.74 4.95 15.50
CA GLY A 54 -5.22 6.30 15.25
C GLY A 54 -6.57 6.26 14.57
N ASN A 55 -7.02 7.45 14.15
CA ASN A 55 -8.35 7.56 13.54
C ASN A 55 -8.54 6.56 12.42
N PHE A 56 -7.60 6.51 11.47
CA PHE A 56 -7.71 5.57 10.37
C PHE A 56 -7.83 4.13 10.86
N ASP A 57 -6.98 3.75 11.83
CA ASP A 57 -6.96 2.36 12.29
C ASP A 57 -8.26 2.00 13.00
N ILE A 58 -8.79 2.91 13.83
CA ILE A 58 -10.04 2.64 14.53
C ILE A 58 -11.16 2.40 13.53
N LEU A 59 -11.29 3.29 12.54
CA LEU A 59 -12.33 3.12 11.52
C LEU A 59 -12.18 1.81 10.77
N ARG A 60 -10.95 1.33 10.60
CA ARG A 60 -10.73 0.07 9.89
C ARG A 60 -11.11 -1.12 10.75
N ASP A 61 -10.76 -1.09 12.04
CA ASP A 61 -11.19 -2.15 12.95
C ASP A 61 -12.71 -2.18 13.06
N GLU A 62 -13.35 -0.99 13.02
CA GLU A 62 -14.80 -0.94 12.99
C GLU A 62 -15.35 -1.60 11.73
N LEU A 63 -14.71 -1.33 10.58
CA LEU A 63 -15.15 -1.95 9.33
C LEU A 63 -15.06 -3.47 9.41
N GLU A 64 -14.00 -3.99 10.04
CA GLU A 64 -13.87 -5.43 10.21
C GLU A 64 -15.08 -6.02 10.94
N VAL A 65 -15.66 -5.27 11.88
CA VAL A 65 -16.83 -5.76 12.61
C VAL A 65 -18.01 -5.93 11.68
N VAL A 66 -18.28 -4.92 10.85
CA VAL A 66 -19.34 -5.03 9.86
C VAL A 66 -19.14 -6.25 8.98
N LEU A 67 -17.89 -6.52 8.61
CA LEU A 67 -17.59 -7.69 7.78
C LEU A 67 -17.84 -8.99 8.55
N LYS A 68 -17.47 -9.02 9.83
CA LYS A 68 -17.79 -10.19 10.65
C LYS A 68 -19.30 -10.45 10.66
N ASP A 69 -20.10 -9.40 10.90
CA ASP A 69 -21.54 -9.57 11.00
C ASP A 69 -22.13 -10.16 9.72
N VAL A 70 -21.66 -9.69 8.56
CA VAL A 70 -22.25 -10.09 7.29
C VAL A 70 -21.67 -11.39 6.73
N LEU A 71 -20.49 -11.81 7.20
CA LEU A 71 -19.86 -13.03 6.70
C LEU A 71 -20.15 -14.26 7.55
N GLN A 72 -20.52 -14.08 8.82
CA GLN A 72 -20.56 -15.20 9.75
C GLN A 72 -21.85 -16.00 9.69
N GLU A 73 -22.95 -15.40 9.24
CA GLU A 73 -24.21 -16.13 9.17
C GLU A 73 -24.60 -16.36 7.71
N PRO A 74 -24.69 -17.61 7.25
CA PRO A 74 -25.23 -17.84 5.91
C PRO A 74 -26.70 -17.50 5.85
N LYS A 75 -27.16 -17.17 4.64
CA LYS A 75 -28.54 -16.81 4.38
C LYS A 75 -29.05 -17.61 3.18
N THR A 76 -30.33 -17.97 3.24
CA THR A 76 -30.91 -18.81 2.20
C THR A 76 -31.01 -18.10 0.85
N GLU A 77 -30.95 -16.77 0.85
CA GLU A 77 -31.07 -15.98 -0.37
C GLU A 77 -29.72 -15.68 -1.03
N ASP A 78 -28.61 -16.10 -0.41
CA ASP A 78 -27.29 -15.74 -0.91
C ASP A 78 -27.07 -16.28 -2.31
N ILE A 79 -26.43 -15.47 -3.16
CA ILE A 79 -26.00 -15.94 -4.49
C ILE A 79 -24.67 -16.66 -4.33
N VAL A 80 -24.27 -17.41 -5.36
CA VAL A 80 -23.08 -18.25 -5.24
C VAL A 80 -21.86 -17.42 -4.84
N ALA A 81 -21.66 -16.28 -5.49
CA ALA A 81 -20.51 -15.44 -5.18
C ALA A 81 -20.44 -15.16 -3.68
N VAL A 82 -21.60 -14.94 -3.04
CA VAL A 82 -21.62 -14.67 -1.61
C VAL A 82 -21.38 -15.95 -0.82
N GLN A 83 -21.93 -17.07 -1.27
CA GLN A 83 -21.72 -18.34 -0.57
C GLN A 83 -20.23 -18.68 -0.50
N LYS A 84 -19.48 -18.37 -1.56
CA LYS A 84 -18.06 -18.71 -1.58
C LYS A 84 -17.29 -17.86 -0.57
N ALA A 85 -17.61 -16.58 -0.46
CA ALA A 85 -16.93 -15.72 0.50
C ALA A 85 -17.18 -16.18 1.93
N LYS A 86 -18.42 -16.55 2.24
CA LYS A 86 -18.74 -17.03 3.58
C LYS A 86 -18.06 -18.37 3.84
N ALA A 87 -18.02 -19.25 2.84
CA ALA A 87 -17.32 -20.52 3.00
C ALA A 87 -15.82 -20.30 3.19
N LEU A 88 -15.26 -19.29 2.51
CA LEU A 88 -13.84 -18.99 2.68
C LEU A 88 -13.58 -18.42 4.08
N TYR A 89 -14.47 -17.55 4.56
CA TYR A 89 -14.35 -17.04 5.91
C TYR A 89 -14.44 -18.15 6.93
N ARG A 90 -15.37 -19.09 6.75
CA ARG A 90 -15.55 -20.17 7.72
C ARG A 90 -14.35 -21.12 7.74
N SER A 91 -13.75 -21.37 6.58
CA SER A 91 -12.56 -22.21 6.55
C SER A 91 -11.38 -21.53 7.24
N CYS A 92 -11.33 -20.20 7.17
CA CYS A 92 -10.21 -19.45 7.73
C CYS A 92 -10.28 -19.41 9.25
N ILE A 93 -11.49 -19.38 9.82
CA ILE A 93 -11.64 -19.20 11.26
C ILE A 93 -11.76 -20.52 12.01
N ASN A 94 -11.79 -21.66 11.31
CA ASN A 94 -11.98 -22.94 11.99
C ASN A 94 -10.84 -23.21 12.97
N GLU A 95 -9.60 -23.03 12.53
CA GLU A 95 -8.44 -23.09 13.42
C GLU A 95 -8.24 -24.49 14.00
N SER A 96 -9.28 -25.06 14.60
CA SER A 96 -9.21 -26.46 15.01
C SER A 96 -8.84 -27.36 13.83
N ALA A 97 -9.56 -27.23 12.72
CA ALA A 97 -9.23 -27.99 11.51
C ALA A 97 -7.82 -27.67 11.04
N ILE A 98 -7.41 -26.40 11.13
CA ILE A 98 -6.08 -26.02 10.70
C ILE A 98 -5.02 -26.65 11.58
N ASP A 99 -5.22 -26.62 12.91
CA ASP A 99 -4.21 -27.13 13.82
C ASP A 99 -4.02 -28.64 13.67
N SER A 100 -5.10 -29.39 13.48
CA SER A 100 -4.99 -30.83 13.34
C SER A 100 -4.18 -31.22 12.10
N ARG A 101 -3.93 -30.30 11.18
CA ARG A 101 -3.14 -30.59 9.99
C ARG A 101 -1.66 -30.33 10.18
N GLY A 102 -1.27 -29.73 11.30
CA GLY A 102 0.14 -29.45 11.52
C GLY A 102 0.72 -28.70 10.35
N GLY A 103 1.88 -29.15 9.89
CA GLY A 103 2.49 -28.63 8.68
C GLY A 103 2.25 -29.46 7.45
N GLU A 104 1.46 -30.53 7.56
CA GLU A 104 1.23 -31.41 6.42
C GLU A 104 0.84 -30.67 5.16
N PRO A 105 0.06 -29.60 5.20
CA PRO A 105 -0.20 -28.85 3.96
C PRO A 105 1.05 -28.29 3.32
N LEU A 106 2.04 -27.87 4.12
CA LEU A 106 3.26 -27.31 3.55
C LEU A 106 4.14 -28.41 2.95
N LEU A 107 4.26 -29.55 3.65
CA LEU A 107 5.09 -30.64 3.16
C LEU A 107 4.62 -31.10 1.78
N LYS A 108 3.31 -31.19 1.57
CA LYS A 108 2.79 -31.59 0.27
C LYS A 108 3.14 -30.59 -0.82
N LEU A 109 3.43 -29.34 -0.46
CA LEU A 109 3.63 -28.27 -1.43
C LEU A 109 5.09 -28.09 -1.82
N LEU A 110 6.03 -28.51 -0.99
CA LEU A 110 7.45 -28.23 -1.21
C LEU A 110 7.99 -28.94 -2.44
N PRO A 111 7.57 -30.18 -2.74
CA PRO A 111 8.07 -30.83 -3.96
C PRO A 111 7.74 -30.06 -5.23
N ASP A 112 6.73 -29.19 -5.19
CA ASP A 112 6.28 -28.46 -6.36
C ASP A 112 7.04 -27.16 -6.59
N ILE A 113 7.90 -26.75 -5.65
CA ILE A 113 8.73 -25.57 -5.81
C ILE A 113 10.20 -25.96 -5.77
N TYR A 114 10.50 -27.20 -6.14
CA TYR A 114 11.87 -27.72 -6.12
C TYR A 114 12.44 -27.77 -4.71
N GLY A 115 11.55 -27.92 -3.72
CA GLY A 115 11.96 -28.24 -2.37
C GLY A 115 12.65 -27.10 -1.65
N TRP A 116 12.96 -27.36 -0.38
CA TRP A 116 13.77 -26.47 0.45
C TRP A 116 15.01 -27.25 0.87
N PRO A 117 16.20 -26.94 0.31
CA PRO A 117 17.37 -27.80 0.60
C PRO A 117 17.64 -28.03 2.07
N VAL A 118 17.49 -27.01 2.92
CA VAL A 118 17.84 -27.16 4.33
C VAL A 118 16.95 -28.21 5.00
N ALA A 119 15.72 -28.36 4.53
CA ALA A 119 14.79 -29.33 5.09
C ALA A 119 14.66 -30.58 4.23
N THR A 120 15.53 -30.74 3.25
CA THR A 120 15.58 -31.93 2.41
C THR A 120 16.87 -32.69 2.69
N GLU A 121 16.89 -33.94 2.23
CA GLU A 121 18.09 -34.76 2.24
C GLU A 121 18.43 -35.11 0.81
N ASN A 122 19.72 -35.01 0.47
CA ASN A 122 20.17 -35.24 -0.89
C ASN A 122 19.37 -34.40 -1.89
N TRP A 123 19.28 -33.11 -1.59
CA TRP A 123 18.53 -32.20 -2.45
C TRP A 123 19.15 -32.13 -3.84
N GLU A 124 20.48 -32.19 -3.92
CA GLU A 124 21.15 -32.05 -5.21
C GLU A 124 20.80 -33.20 -6.16
N GLN A 125 20.57 -34.40 -5.62
CA GLN A 125 20.23 -35.54 -6.47
C GLN A 125 18.74 -35.58 -6.79
N LYS A 126 17.89 -35.13 -5.87
CA LYS A 126 16.44 -35.15 -6.12
C LYS A 126 16.05 -34.08 -7.12
N TYR A 127 16.45 -32.83 -6.88
CA TYR A 127 16.04 -31.70 -7.70
C TYR A 127 17.16 -31.10 -8.53
N GLY A 128 18.35 -30.94 -7.94
CA GLY A 128 19.45 -30.29 -8.65
C GLY A 128 19.70 -30.84 -10.04
N ALA A 129 19.37 -32.12 -10.25
CA ALA A 129 19.52 -32.70 -11.58
C ALA A 129 18.67 -31.97 -12.61
N SER A 130 17.37 -31.86 -12.34
CA SER A 130 16.43 -31.19 -13.23
C SER A 130 16.11 -29.77 -12.76
N TRP A 131 17.12 -29.00 -12.36
CA TRP A 131 16.94 -27.71 -11.74
C TRP A 131 17.61 -26.64 -12.57
N THR A 132 16.91 -25.52 -12.76
CA THR A 132 17.45 -24.35 -13.43
C THR A 132 16.87 -23.10 -12.79
N ALA A 133 17.67 -22.03 -12.78
CA ALA A 133 17.15 -20.75 -12.33
C ALA A 133 15.90 -20.37 -13.09
N GLU A 134 15.89 -20.61 -14.41
CA GLU A 134 14.73 -20.27 -15.22
C GLU A 134 13.48 -20.98 -14.71
N LYS A 135 13.58 -22.30 -14.50
CA LYS A 135 12.41 -23.07 -14.07
C LYS A 135 12.07 -22.83 -12.61
N ALA A 136 13.08 -22.68 -11.75
CA ALA A 136 12.82 -22.54 -10.33
C ALA A 136 12.15 -21.21 -10.01
N ILE A 137 12.70 -20.11 -10.55
CA ILE A 137 12.10 -18.80 -10.31
C ILE A 137 10.73 -18.72 -10.96
N ALA A 138 10.58 -19.29 -12.15
CA ALA A 138 9.31 -19.21 -12.87
C ALA A 138 8.20 -19.93 -12.10
N GLN A 139 8.52 -21.07 -11.48
CA GLN A 139 7.50 -21.84 -10.78
C GLN A 139 6.93 -21.07 -9.60
N LEU A 140 7.77 -20.35 -8.87
CA LEU A 140 7.28 -19.54 -7.76
C LEU A 140 6.51 -18.32 -8.27
N ASN A 141 6.94 -17.74 -9.38
CA ASN A 141 6.27 -16.57 -9.95
C ASN A 141 4.88 -16.94 -10.45
N SER A 142 4.80 -17.86 -11.41
CA SER A 142 3.56 -18.07 -12.15
C SER A 142 2.50 -18.85 -11.37
N LYS A 143 2.92 -19.74 -10.47
CA LYS A 143 1.94 -20.54 -9.74
C LYS A 143 1.53 -19.88 -8.42
N TYR A 144 2.50 -19.41 -7.64
CA TYR A 144 2.23 -18.91 -6.30
C TYR A 144 2.48 -17.41 -6.17
N GLY A 145 2.77 -16.73 -7.28
CA GLY A 145 2.88 -15.27 -7.25
C GLY A 145 4.01 -14.74 -6.40
N LYS A 146 5.00 -15.56 -6.09
CA LYS A 146 6.13 -15.14 -5.27
C LYS A 146 7.30 -14.78 -6.18
N LYS A 147 7.71 -13.52 -6.15
CA LYS A 147 8.74 -12.99 -7.04
C LYS A 147 10.06 -12.91 -6.28
N VAL A 148 11.06 -13.69 -6.70
CA VAL A 148 12.35 -13.76 -6.03
C VAL A 148 13.46 -13.58 -7.05
N LEU A 149 14.55 -12.93 -6.60
CA LEU A 149 15.72 -12.65 -7.43
C LEU A 149 15.38 -11.71 -8.58
N ILE A 150 14.45 -12.11 -9.43
CA ILE A 150 14.00 -11.31 -10.56
C ILE A 150 12.48 -11.24 -10.49
N ASN A 151 11.95 -10.02 -10.40
CA ASN A 151 10.51 -9.80 -10.35
C ASN A 151 10.06 -9.49 -11.78
N LEU A 152 9.45 -10.48 -12.42
CA LEU A 152 8.85 -10.32 -13.74
C LEU A 152 7.34 -10.40 -13.59
N PHE A 153 6.64 -9.36 -14.04
CA PHE A 153 5.19 -9.31 -13.94
C PHE A 153 4.62 -8.63 -15.17
N VAL A 154 3.31 -8.80 -15.36
CA VAL A 154 2.57 -8.19 -16.45
C VAL A 154 1.85 -6.96 -15.89
N GLY A 155 2.14 -5.80 -16.48
CA GLY A 155 1.52 -4.56 -16.04
C GLY A 155 1.09 -3.69 -17.20
N THR A 156 0.64 -2.48 -16.89
CA THR A 156 0.25 -1.53 -17.92
C THR A 156 1.49 -0.87 -18.52
N ASP A 157 1.42 -0.56 -19.80
CA ASP A 157 2.51 0.15 -20.46
C ASP A 157 2.46 1.62 -20.06
N ASP A 158 3.52 2.11 -19.44
CA ASP A 158 3.53 3.49 -18.96
C ASP A 158 3.36 4.48 -20.10
N LYS A 159 3.84 4.15 -21.30
CA LYS A 159 3.73 5.02 -22.45
C LYS A 159 2.60 4.60 -23.40
N ASN A 160 1.69 3.76 -22.93
CA ASN A 160 0.50 3.41 -23.70
C ASN A 160 -0.50 2.70 -22.78
N SER A 161 -1.25 3.49 -22.00
CA SER A 161 -2.03 3.00 -20.87
C SER A 161 -3.15 2.05 -21.27
N VAL A 162 -3.31 1.79 -22.56
CA VAL A 162 -4.33 0.85 -23.01
C VAL A 162 -3.82 -0.58 -23.08
N ASN A 163 -2.52 -0.78 -23.28
CA ASN A 163 -1.96 -2.11 -23.44
C ASN A 163 -1.34 -2.60 -22.14
N HIS A 164 -0.95 -3.88 -22.16
CA HIS A 164 -0.16 -4.49 -21.11
C HIS A 164 1.20 -4.88 -21.67
N VAL A 165 2.23 -4.76 -20.85
CA VAL A 165 3.59 -5.13 -21.22
C VAL A 165 4.22 -5.89 -20.06
N ILE A 166 5.28 -6.63 -20.38
CA ILE A 166 6.03 -7.38 -19.37
C ILE A 166 7.04 -6.44 -18.73
N HIS A 167 6.94 -6.28 -17.41
CA HIS A 167 7.90 -5.50 -16.64
C HIS A 167 8.93 -6.44 -16.01
N ILE A 168 10.14 -5.92 -15.82
CA ILE A 168 11.19 -6.62 -15.10
C ILE A 168 11.80 -5.65 -14.11
N ASP A 169 11.74 -5.98 -12.83
CA ASP A 169 12.13 -5.07 -11.76
C ASP A 169 12.82 -5.86 -10.67
N GLN A 170 13.50 -5.14 -9.78
CA GLN A 170 14.14 -5.78 -8.65
C GLN A 170 13.08 -6.33 -7.69
N PRO A 171 13.39 -7.41 -6.97
CA PRO A 171 12.38 -8.04 -6.11
C PRO A 171 12.36 -7.45 -4.70
N ARG A 172 11.24 -7.70 -4.03
CA ARG A 172 11.14 -7.38 -2.61
C ARG A 172 12.10 -8.25 -1.81
N LEU A 173 12.42 -7.77 -0.62
CA LEU A 173 13.32 -8.46 0.30
C LEU A 173 12.54 -9.01 1.48
N GLY A 174 13.17 -9.92 2.21
CA GLY A 174 12.50 -10.52 3.36
C GLY A 174 12.27 -9.54 4.48
N LEU A 175 13.11 -8.53 4.60
CA LEU A 175 13.00 -7.52 5.64
C LEU A 175 12.39 -6.25 5.06
N PRO A 176 11.87 -5.36 5.92
CA PRO A 176 11.12 -4.20 5.41
C PRO A 176 11.82 -3.41 4.31
N SER A 177 13.13 -3.21 4.39
CA SER A 177 13.83 -2.42 3.38
C SER A 177 15.30 -2.81 3.37
N ARG A 178 15.98 -2.39 2.29
CA ARG A 178 17.39 -2.70 2.13
C ARG A 178 18.21 -2.15 3.28
N ASP A 179 17.75 -1.09 3.93
CA ASP A 179 18.49 -0.51 5.04
C ASP A 179 18.70 -1.52 6.17
N TYR A 180 17.76 -2.44 6.34
CA TYR A 180 17.83 -3.37 7.47
C TYR A 180 19.06 -4.25 7.39
N TYR A 181 19.56 -4.53 6.18
CA TYR A 181 20.63 -5.50 6.04
C TYR A 181 21.99 -4.99 6.52
N GLU A 182 22.07 -3.75 7.01
CA GLU A 182 23.22 -3.36 7.80
C GLU A 182 23.35 -4.28 9.02
N CYS A 183 22.22 -4.58 9.66
CA CYS A 183 22.18 -5.53 10.77
C CYS A 183 22.97 -5.04 11.97
N THR A 184 23.08 -3.72 12.13
CA THR A 184 23.71 -3.12 13.28
C THR A 184 22.68 -2.22 13.98
N GLY A 185 22.98 -1.88 15.22
CA GLY A 185 22.14 -0.99 16.00
C GLY A 185 20.66 -1.32 15.91
N ILE A 186 19.88 -0.36 15.40
CA ILE A 186 18.43 -0.50 15.41
C ILE A 186 17.95 -1.64 14.52
N TYR A 187 18.76 -2.08 13.56
CA TYR A 187 18.38 -3.20 12.70
C TYR A 187 18.91 -4.54 13.18
N LYS A 188 19.70 -4.57 14.25
CA LYS A 188 20.33 -5.81 14.67
C LYS A 188 19.29 -6.84 15.10
N GLU A 189 18.43 -6.47 16.05
CA GLU A 189 17.42 -7.40 16.54
C GLU A 189 16.59 -7.98 15.40
N ALA A 190 16.19 -7.14 14.44
CA ALA A 190 15.39 -7.64 13.31
C ALA A 190 16.17 -8.67 12.51
N CYS A 191 17.44 -8.38 12.20
CA CYS A 191 18.26 -9.34 11.45
C CYS A 191 18.40 -10.66 12.22
N THR A 192 18.55 -10.57 13.53
CA THR A 192 18.71 -11.79 14.34
C THR A 192 17.42 -12.60 14.35
N ALA A 193 16.27 -11.94 14.55
CA ALA A 193 15.00 -12.66 14.54
C ALA A 193 14.73 -13.28 13.17
N TYR A 194 15.18 -12.63 12.10
CA TYR A 194 14.93 -13.14 10.75
C TYR A 194 15.62 -14.47 10.53
N VAL A 195 16.92 -14.57 10.87
CA VAL A 195 17.64 -15.82 10.69
C VAL A 195 17.20 -16.84 11.73
N ASP A 196 16.92 -16.38 12.96
CA ASP A 196 16.32 -17.26 13.94
C ASP A 196 14.98 -17.79 13.44
N PHE A 197 14.20 -16.94 12.79
CA PHE A 197 12.95 -17.36 12.17
C PHE A 197 13.20 -18.45 11.13
N MET A 198 14.24 -18.29 10.29
CA MET A 198 14.58 -19.33 9.32
C MET A 198 14.83 -20.65 10.03
N ILE A 199 15.74 -20.66 11.00
CA ILE A 199 16.15 -21.91 11.66
C ILE A 199 14.96 -22.54 12.38
N SER A 200 14.11 -21.72 13.00
CA SER A 200 12.94 -22.25 13.67
C SER A 200 12.08 -23.06 12.70
N VAL A 201 11.80 -22.50 11.52
CA VAL A 201 10.96 -23.18 10.55
C VAL A 201 11.67 -24.41 9.99
N ALA A 202 12.94 -24.24 9.61
CA ALA A 202 13.70 -25.38 9.11
C ALA A 202 13.72 -26.52 10.11
N ARG A 203 13.78 -26.20 11.41
CA ARG A 203 13.80 -27.24 12.42
C ARG A 203 12.45 -27.93 12.53
N LEU A 204 11.36 -27.16 12.45
CA LEU A 204 10.03 -27.74 12.60
C LEU A 204 9.69 -28.67 11.45
N ILE A 205 10.10 -28.30 10.23
CA ILE A 205 9.85 -29.14 9.07
C ILE A 205 10.61 -30.46 9.20
N ARG A 206 11.92 -30.37 9.41
CA ARG A 206 12.73 -31.58 9.59
C ARG A 206 12.20 -32.45 10.72
N GLN A 207 11.78 -31.83 11.82
CA GLN A 207 11.16 -32.58 12.91
C GLN A 207 9.91 -33.32 12.41
N GLU A 208 9.06 -32.62 11.66
CA GLU A 208 7.83 -33.24 11.18
C GLU A 208 8.11 -34.31 10.12
N GLU A 209 9.22 -34.20 9.41
CA GLU A 209 9.64 -35.22 8.46
C GLU A 209 10.43 -36.34 9.11
N ARG A 210 10.58 -36.31 10.43
CA ARG A 210 11.45 -37.26 11.14
C ARG A 210 12.82 -37.32 10.48
N LEU A 211 13.52 -36.19 10.57
CA LEU A 211 14.86 -36.07 10.02
C LEU A 211 15.83 -35.64 11.12
N PRO A 212 17.10 -36.06 11.04
CA PRO A 212 18.07 -35.66 12.05
C PRO A 212 18.33 -34.16 12.00
N ILE A 213 18.46 -33.56 13.19
CA ILE A 213 18.61 -32.11 13.33
C ILE A 213 20.05 -31.84 13.73
N ASP A 214 20.81 -31.22 12.82
CA ASP A 214 22.18 -30.76 13.09
C ASP A 214 22.11 -29.25 13.26
N GLU A 215 22.11 -28.78 14.52
CA GLU A 215 21.87 -27.37 14.78
C GLU A 215 22.93 -26.48 14.13
N ASN A 216 24.18 -26.95 14.07
CA ASN A 216 25.22 -26.16 13.43
C ASN A 216 25.04 -26.09 11.92
N GLN A 217 24.60 -27.19 11.31
CA GLN A 217 24.32 -27.17 9.88
C GLN A 217 23.13 -26.27 9.56
N LEU A 218 22.14 -26.20 10.44
CA LEU A 218 21.04 -25.25 10.25
C LEU A 218 21.54 -23.82 10.28
N ALA A 219 22.28 -23.47 11.33
CA ALA A 219 22.83 -22.12 11.44
C ALA A 219 23.68 -21.78 10.22
N LEU A 220 24.47 -22.75 9.74
CA LEU A 220 25.36 -22.50 8.62
C LEU A 220 24.57 -22.13 7.36
N GLU A 221 23.65 -22.99 6.94
CA GLU A 221 22.91 -22.76 5.71
C GLU A 221 22.07 -21.49 5.79
N MET A 222 21.37 -21.29 6.91
CA MET A 222 20.48 -20.14 7.02
C MET A 222 21.24 -18.83 7.11
N ASN A 223 22.49 -18.88 7.61
CA ASN A 223 23.29 -17.66 7.61
C ASN A 223 23.88 -17.37 6.24
N LYS A 224 24.13 -18.40 5.42
CA LYS A 224 24.51 -18.13 4.03
C LYS A 224 23.33 -17.54 3.26
N VAL A 225 22.10 -17.91 3.63
CA VAL A 225 20.93 -17.29 3.02
C VAL A 225 20.90 -15.81 3.34
N MET A 226 21.27 -15.44 4.56
CA MET A 226 21.28 -14.04 4.95
C MET A 226 22.43 -13.30 4.28
N GLU A 227 23.59 -13.94 4.16
CA GLU A 227 24.70 -13.32 3.44
C GLU A 227 24.41 -13.21 1.95
N LEU A 228 23.49 -14.01 1.44
CA LEU A 228 23.09 -13.89 0.04
C LEU A 228 22.10 -12.74 -0.14
N GLU A 229 21.06 -12.69 0.70
CA GLU A 229 20.08 -11.62 0.57
C GLU A 229 20.69 -10.27 0.92
N LYS A 230 21.69 -10.25 1.81
CA LYS A 230 22.46 -9.02 2.03
C LYS A 230 23.03 -8.51 0.72
N GLU A 231 23.63 -9.40 -0.08
CA GLU A 231 24.21 -9.00 -1.36
C GLU A 231 23.14 -8.49 -2.31
N ILE A 232 22.07 -9.26 -2.48
CA ILE A 232 20.97 -8.82 -3.33
C ILE A 232 20.43 -7.49 -2.84
N ALA A 233 20.29 -7.33 -1.52
CA ALA A 233 19.74 -6.10 -0.97
C ALA A 233 20.62 -4.90 -1.32
N ASN A 234 21.93 -5.02 -1.12
CA ASN A 234 22.84 -3.93 -1.42
C ASN A 234 22.87 -3.61 -2.91
N ALA A 235 22.51 -4.57 -3.76
CA ALA A 235 22.49 -4.35 -5.19
C ALA A 235 21.25 -3.61 -5.66
N THR A 236 20.18 -3.61 -4.88
CA THR A 236 18.95 -2.97 -5.30
C THR A 236 19.07 -1.45 -5.24
N ALA A 237 18.29 -0.78 -6.09
CA ALA A 237 18.29 0.67 -6.11
C ALA A 237 17.53 1.25 -4.93
N LYS A 238 18.01 2.39 -4.43
CA LYS A 238 17.33 3.13 -3.38
C LYS A 238 15.96 3.57 -3.89
N PRO A 239 15.02 3.89 -2.99
CA PRO A 239 13.79 4.55 -3.45
C PRO A 239 14.09 5.95 -4.00
N GLU A 240 15.04 6.65 -3.39
CA GLU A 240 15.44 7.98 -3.85
C GLU A 240 15.85 7.98 -5.32
N ASP A 241 16.41 6.87 -5.80
CA ASP A 241 16.91 6.76 -7.17
C ASP A 241 15.89 6.14 -8.12
N ARG A 242 14.65 5.97 -7.68
CA ARG A 242 13.58 5.40 -8.50
C ARG A 242 12.38 6.34 -8.56
N ASN A 243 12.61 7.62 -8.31
CA ASN A 243 11.55 8.61 -8.20
C ASN A 243 11.10 9.14 -9.55
N ASP A 244 11.96 9.12 -10.56
CA ASP A 244 11.62 9.69 -11.86
C ASP A 244 11.17 8.56 -12.78
N PRO A 245 9.89 8.50 -13.16
CA PRO A 245 9.44 7.40 -14.01
C PRO A 245 10.02 7.46 -15.41
N MET A 246 10.32 8.66 -15.92
CA MET A 246 10.93 8.77 -17.24
C MET A 246 12.26 8.01 -17.30
N LEU A 247 13.12 8.24 -16.31
CA LEU A 247 14.42 7.55 -16.30
C LEU A 247 14.25 6.07 -16.00
N LEU A 248 13.19 5.70 -15.26
CA LEU A 248 12.99 4.31 -14.89
C LEU A 248 12.49 3.47 -16.06
N TYR A 249 11.87 4.09 -17.05
CA TYR A 249 11.22 3.38 -18.15
C TYR A 249 12.27 3.08 -19.21
N ASN A 250 12.72 1.83 -19.27
CA ASN A 250 13.70 1.37 -20.25
C ASN A 250 13.09 0.20 -21.01
N LYS A 251 12.51 0.47 -22.18
CA LYS A 251 11.93 -0.56 -23.01
C LYS A 251 13.00 -1.16 -23.92
N MET A 252 12.94 -2.47 -24.09
CA MET A 252 13.87 -3.18 -24.96
C MET A 252 13.32 -4.58 -25.21
N THR A 253 13.85 -5.24 -26.23
CA THR A 253 13.39 -6.58 -26.54
C THR A 253 14.08 -7.61 -25.65
N LEU A 254 13.55 -8.83 -25.67
CA LEU A 254 14.20 -9.90 -24.92
C LEU A 254 15.60 -10.17 -25.44
N ALA A 255 15.82 -10.00 -26.75
CA ALA A 255 17.16 -10.16 -27.29
C ALA A 255 18.11 -9.12 -26.70
N GLN A 256 17.67 -7.86 -26.64
CA GLN A 256 18.49 -6.83 -26.01
C GLN A 256 18.82 -7.19 -24.56
N ILE A 257 17.83 -7.68 -23.82
CA ILE A 257 18.05 -8.04 -22.42
C ILE A 257 19.13 -9.11 -22.32
N GLN A 258 19.10 -10.09 -23.22
CA GLN A 258 20.11 -11.15 -23.17
C GLN A 258 21.50 -10.60 -23.44
N ASN A 259 21.60 -9.61 -24.33
CA ASN A 259 22.90 -9.03 -24.66
C ASN A 259 23.39 -8.14 -23.52
N ASN A 260 22.53 -7.26 -23.02
CA ASN A 260 22.94 -6.20 -22.11
C ASN A 260 22.79 -6.56 -20.64
N PHE A 261 22.20 -7.72 -20.32
CA PHE A 261 21.99 -8.13 -18.92
C PHE A 261 22.04 -9.65 -18.84
N SER A 262 23.24 -10.21 -19.03
CA SER A 262 23.42 -11.63 -18.89
C SER A 262 23.56 -12.02 -17.43
N LEU A 263 23.39 -13.32 -17.16
CA LEU A 263 23.50 -13.86 -15.82
C LEU A 263 24.04 -15.28 -15.92
N GLU A 264 25.11 -15.55 -15.20
CA GLU A 264 25.66 -16.90 -15.06
C GLU A 264 25.27 -17.38 -13.66
N ILE A 265 24.37 -18.36 -13.61
CA ILE A 265 23.83 -18.88 -12.35
C ILE A 265 24.03 -20.38 -12.34
N ASN A 266 24.78 -20.88 -11.37
CA ASN A 266 25.01 -22.32 -11.26
C ASN A 266 25.60 -22.86 -12.55
N GLY A 267 26.54 -22.12 -13.12
CA GLY A 267 27.19 -22.52 -14.39
C GLY A 267 26.38 -22.26 -15.64
N LYS A 268 25.12 -22.74 -15.67
CA LYS A 268 24.27 -22.54 -16.84
C LYS A 268 24.10 -21.04 -17.11
N PRO A 269 24.29 -20.58 -18.35
CA PRO A 269 23.94 -19.19 -18.68
C PRO A 269 22.43 -19.00 -18.66
N PHE A 270 21.99 -17.91 -18.03
CA PHE A 270 20.57 -17.63 -17.89
C PHE A 270 19.98 -17.28 -19.26
N SER A 271 18.78 -17.79 -19.53
CA SER A 271 18.09 -17.58 -20.80
C SER A 271 16.79 -16.82 -20.52
N TRP A 272 16.78 -15.52 -20.81
CA TRP A 272 15.59 -14.71 -20.58
C TRP A 272 14.40 -15.18 -21.41
N LEU A 273 14.65 -15.88 -22.52
CA LEU A 273 13.54 -16.39 -23.32
C LEU A 273 12.95 -17.66 -22.71
N ASN A 274 13.81 -18.50 -22.11
CA ASN A 274 13.33 -19.70 -21.42
C ASN A 274 12.70 -19.36 -20.08
N PHE A 275 13.20 -18.32 -19.42
CA PHE A 275 12.61 -17.87 -18.17
C PHE A 275 11.20 -17.29 -18.40
N THR A 276 11.07 -16.42 -19.40
CA THR A 276 9.78 -15.78 -19.65
C THR A 276 8.77 -16.76 -20.21
N ASN A 277 9.21 -17.69 -21.06
CA ASN A 277 8.28 -18.68 -21.61
C ASN A 277 7.90 -19.72 -20.55
N GLU A 278 8.79 -20.01 -19.61
CA GLU A 278 8.42 -20.86 -18.48
C GLU A 278 7.29 -20.23 -17.68
N ILE A 279 7.26 -18.89 -17.61
CA ILE A 279 6.21 -18.20 -16.88
C ILE A 279 4.95 -18.07 -17.74
N MET A 280 5.09 -17.51 -18.94
CA MET A 280 3.92 -17.20 -19.75
C MET A 280 3.23 -18.44 -20.31
N SER A 281 3.89 -19.60 -20.28
CA SER A 281 3.22 -20.83 -20.68
C SER A 281 2.14 -21.25 -19.69
N THR A 282 2.21 -20.75 -18.45
CA THR A 282 1.19 -21.02 -17.45
C THR A 282 -0.21 -20.68 -17.94
N VAL A 283 -0.32 -19.84 -18.98
CA VAL A 283 -1.61 -19.48 -19.54
C VAL A 283 -1.58 -19.64 -21.06
N ASN A 284 -0.76 -20.57 -21.54
N ASN A 284 -0.79 -20.61 -21.53
CA ASN A 284 -0.71 -20.91 -22.97
CA ASN A 284 -0.65 -20.91 -22.95
C ASN A 284 -0.46 -19.65 -23.81
C ASN A 284 -0.47 -19.64 -23.77
N ILE A 285 0.66 -19.00 -23.52
CA ILE A 285 1.09 -17.80 -24.25
C ILE A 285 2.55 -17.98 -24.64
N SER A 286 2.85 -17.76 -25.92
CA SER A 286 4.20 -17.92 -26.45
C SER A 286 4.87 -16.56 -26.59
N ILE A 287 6.16 -16.52 -26.28
CA ILE A 287 6.96 -15.29 -26.33
C ILE A 287 8.19 -15.54 -27.20
N THR A 288 8.56 -14.54 -27.99
CA THR A 288 9.70 -14.62 -28.89
C THR A 288 10.73 -13.58 -28.46
N ASN A 289 11.90 -13.60 -29.13
CA ASN A 289 12.97 -12.67 -28.81
C ASN A 289 12.65 -11.23 -29.18
N GLU A 290 11.58 -11.02 -29.94
CA GLU A 290 11.19 -9.68 -30.35
C GLU A 290 10.18 -9.06 -29.39
N GLU A 291 9.85 -9.76 -28.32
CA GLU A 291 8.94 -9.25 -27.29
C GLU A 291 9.48 -7.97 -26.68
N ASP A 292 8.61 -6.98 -26.49
CA ASP A 292 8.99 -5.73 -25.87
C ASP A 292 8.85 -5.86 -24.35
N VAL A 293 9.87 -5.41 -23.63
CA VAL A 293 9.97 -5.58 -22.18
C VAL A 293 10.43 -4.27 -21.57
N VAL A 294 9.84 -3.90 -20.44
CA VAL A 294 10.19 -2.67 -19.73
C VAL A 294 11.00 -3.05 -18.50
N VAL A 295 12.26 -2.61 -18.47
CA VAL A 295 13.18 -2.94 -17.40
C VAL A 295 13.27 -1.73 -16.47
N TYR A 296 12.80 -1.88 -15.24
CA TYR A 296 12.79 -0.81 -14.26
C TYR A 296 14.04 -0.77 -13.39
N ALA A 297 14.87 -1.81 -13.39
CA ALA A 297 16.06 -1.87 -12.54
C ALA A 297 17.23 -2.43 -13.33
N PRO A 298 17.59 -1.78 -14.43
CA PRO A 298 18.76 -2.25 -15.19
C PRO A 298 20.03 -2.22 -14.36
N GLU A 299 20.24 -1.16 -13.58
CA GLU A 299 21.41 -1.09 -12.72
C GLU A 299 21.48 -2.31 -11.81
N TYR A 300 20.34 -2.74 -11.27
CA TYR A 300 20.31 -3.89 -10.37
C TYR A 300 20.65 -5.19 -11.09
N LEU A 301 20.26 -5.32 -12.36
CA LEU A 301 20.55 -6.55 -13.10
C LEU A 301 22.05 -6.69 -13.36
N THR A 302 22.75 -5.59 -13.62
CA THR A 302 24.19 -5.69 -13.88
C THR A 302 24.95 -6.05 -12.60
N LYS A 303 24.61 -5.42 -11.48
CA LYS A 303 25.25 -5.77 -10.21
C LYS A 303 24.90 -7.18 -9.78
N LEU A 304 23.84 -7.76 -10.32
CA LEU A 304 23.39 -9.10 -9.94
C LEU A 304 24.18 -10.21 -10.61
N LYS A 305 24.79 -9.93 -11.77
CA LYS A 305 25.52 -10.97 -12.49
C LYS A 305 26.66 -11.56 -11.67
N PRO A 306 27.56 -10.79 -11.07
CA PRO A 306 28.65 -11.37 -10.29
C PRO A 306 28.27 -11.77 -8.87
N ILE A 307 27.04 -11.52 -8.45
CA ILE A 307 26.58 -12.01 -7.15
C ILE A 307 26.23 -13.50 -7.25
N LEU A 308 25.50 -13.87 -8.29
CA LEU A 308 24.95 -15.21 -8.41
C LEU A 308 25.92 -16.22 -9.01
N THR A 309 27.01 -15.76 -9.62
CA THR A 309 28.06 -16.70 -10.02
C THR A 309 28.71 -17.35 -8.80
N LYS A 310 28.71 -16.65 -7.67
CA LYS A 310 29.38 -17.18 -6.49
C LYS A 310 28.58 -18.30 -5.85
N TYR A 311 27.27 -18.17 -5.81
CA TYR A 311 26.42 -19.08 -5.04
C TYR A 311 26.01 -20.29 -5.88
N SER A 312 25.53 -21.32 -5.18
CA SER A 312 25.18 -22.59 -5.78
C SER A 312 23.67 -22.68 -5.99
N ALA A 313 23.27 -23.72 -6.73
CA ALA A 313 21.85 -24.02 -6.86
C ALA A 313 21.20 -24.25 -5.50
N ARG A 314 21.90 -24.96 -4.61
CA ARG A 314 21.39 -25.17 -3.26
C ARG A 314 21.29 -23.86 -2.50
N ASP A 315 22.37 -23.07 -2.52
CA ASP A 315 22.38 -21.81 -1.77
C ASP A 315 21.26 -20.89 -2.25
N LEU A 316 20.98 -20.89 -3.56
CA LEU A 316 19.93 -20.01 -4.10
C LEU A 316 18.55 -20.51 -3.70
N GLN A 317 18.31 -21.82 -3.87
CA GLN A 317 16.99 -22.37 -3.57
C GLN A 317 16.65 -22.24 -2.09
N ASN A 318 17.66 -22.27 -1.21
CA ASN A 318 17.38 -22.11 0.21
C ASN A 318 16.76 -20.76 0.50
N LEU A 319 17.26 -19.70 -0.16
CA LEU A 319 16.62 -18.39 -0.07
C LEU A 319 15.30 -18.37 -0.84
N MET A 320 15.29 -18.99 -2.02
CA MET A 320 14.12 -18.94 -2.89
C MET A 320 12.88 -19.47 -2.19
N SER A 321 12.94 -20.73 -1.71
CA SER A 321 11.80 -21.32 -1.03
C SER A 321 11.52 -20.64 0.31
N TRP A 322 12.56 -20.16 0.99
CA TRP A 322 12.33 -19.51 2.28
C TRP A 322 11.45 -18.28 2.13
N ARG A 323 11.60 -17.54 1.03
CA ARG A 323 10.76 -16.37 0.80
C ARG A 323 9.28 -16.74 0.63
N PHE A 324 8.99 -17.97 0.23
CA PHE A 324 7.60 -18.41 0.13
C PHE A 324 7.12 -19.07 1.43
N ILE A 325 7.95 -19.93 2.02
CA ILE A 325 7.61 -20.52 3.31
C ILE A 325 7.39 -19.44 4.35
N MET A 326 8.19 -18.36 4.27
CA MET A 326 8.07 -17.24 5.20
C MET A 326 6.61 -16.80 5.36
N ASP A 327 5.87 -16.73 4.26
CA ASP A 327 4.49 -16.24 4.28
C ASP A 327 3.47 -17.30 4.62
N LEU A 328 3.83 -18.58 4.59
CA LEU A 328 2.85 -19.65 4.74
C LEU A 328 2.72 -20.14 6.18
N VAL A 329 3.76 -20.02 7.00
CA VAL A 329 3.71 -20.59 8.35
C VAL A 329 2.54 -20.00 9.13
N SER A 330 2.19 -18.73 8.87
CA SER A 330 1.05 -18.12 9.54
C SER A 330 -0.26 -18.83 9.23
N SER A 331 -0.31 -19.60 8.14
CA SER A 331 -1.52 -20.29 7.73
C SER A 331 -1.55 -21.76 8.17
N LEU A 332 -0.55 -22.19 8.93
CA LEU A 332 -0.49 -23.56 9.42
C LEU A 332 -0.84 -23.58 10.91
N SER A 333 -0.48 -24.65 11.61
CA SER A 333 -0.86 -24.83 13.00
C SER A 333 -0.13 -23.83 13.88
N ARG A 334 -0.58 -23.74 15.15
CA ARG A 334 -0.05 -22.75 16.07
C ARG A 334 1.43 -22.98 16.37
N THR A 335 1.93 -24.19 16.20
CA THR A 335 3.38 -24.41 16.32
C THR A 335 4.13 -23.65 15.24
N TYR A 336 3.59 -23.63 14.02
CA TYR A 336 4.21 -22.87 12.95
C TYR A 336 3.92 -21.39 13.08
N LYS A 337 2.71 -21.03 13.52
CA LYS A 337 2.40 -19.63 13.74
C LYS A 337 3.37 -19.00 14.73
N GLU A 338 3.72 -19.73 15.79
CA GLU A 338 4.51 -19.13 16.86
C GLU A 338 5.95 -18.86 16.42
N SER A 339 6.48 -19.65 15.50
CA SER A 339 7.87 -19.45 15.06
C SER A 339 8.11 -18.05 14.52
N ARG A 340 7.06 -17.29 14.24
CA ARG A 340 7.15 -15.96 13.66
C ARG A 340 7.09 -14.84 14.70
N ASN A 341 6.94 -15.17 15.98
CA ASN A 341 6.67 -14.16 17.00
C ASN A 341 7.81 -13.15 17.10
N ALA A 342 9.02 -13.61 17.40
CA ALA A 342 10.14 -12.69 17.58
C ALA A 342 10.38 -11.85 16.34
N PHE A 343 10.14 -12.42 15.16
CA PHE A 343 10.30 -11.66 13.93
C PHE A 343 9.21 -10.62 13.77
N ARG A 344 7.95 -11.00 14.06
CA ARG A 344 6.86 -10.05 14.04
C ARG A 344 7.11 -8.89 15.00
N LYS A 345 7.49 -9.20 16.24
CA LYS A 345 7.70 -8.15 17.24
C LYS A 345 8.85 -7.22 16.83
N ALA A 346 9.86 -7.76 16.15
CA ALA A 346 11.01 -6.94 15.77
C ALA A 346 10.62 -5.91 14.70
N LEU A 347 9.79 -6.31 13.75
CA LEU A 347 9.42 -5.43 12.64
C LEU A 347 8.21 -4.55 12.95
N TYR A 348 7.34 -4.99 13.85
CA TYR A 348 6.08 -4.29 14.09
C TYR A 348 5.83 -3.90 15.53
N GLY A 349 6.56 -4.47 16.49
CA GLY A 349 6.38 -4.17 17.89
C GLY A 349 5.21 -4.88 18.55
N THR A 350 4.46 -5.69 17.81
CA THR A 350 3.26 -6.31 18.34
C THR A 350 3.61 -7.60 19.06
N THR A 351 3.05 -7.77 20.26
CA THR A 351 3.29 -8.95 21.08
C THR A 351 2.26 -10.03 20.89
N SER A 352 1.15 -9.73 20.24
CA SER A 352 0.07 -10.67 20.01
C SER A 352 -0.32 -10.60 18.55
N GLU A 353 -0.94 -11.67 18.06
CA GLU A 353 -1.44 -11.66 16.70
C GLU A 353 -2.90 -11.21 16.69
N THR A 354 -3.26 -10.45 15.67
CA THR A 354 -4.62 -9.95 15.52
C THR A 354 -5.62 -11.09 15.66
N ALA A 355 -6.81 -10.73 16.17
CA ALA A 355 -7.89 -11.70 16.29
C ALA A 355 -8.06 -12.46 14.99
N THR A 356 -8.37 -13.75 15.12
CA THR A 356 -8.47 -14.59 13.93
C THR A 356 -9.59 -14.13 13.02
N TRP A 357 -10.75 -13.79 13.60
CA TRP A 357 -11.86 -13.33 12.78
C TRP A 357 -11.51 -12.02 12.08
N ARG A 358 -10.66 -11.20 12.71
CA ARG A 358 -10.22 -9.96 12.06
C ARG A 358 -9.30 -10.26 10.89
N ARG A 359 -8.29 -11.12 11.10
CA ARG A 359 -7.43 -11.54 10.00
C ARG A 359 -8.26 -12.11 8.86
N CYS A 360 -9.20 -12.99 9.18
CA CYS A 360 -9.95 -13.70 8.15
C CYS A 360 -10.86 -12.75 7.37
N ALA A 361 -11.60 -11.91 8.08
CA ALA A 361 -12.42 -10.92 7.40
C ALA A 361 -11.60 -10.13 6.39
N ASN A 362 -10.39 -9.71 6.78
CA ASN A 362 -9.54 -8.96 5.87
C ASN A 362 -9.11 -9.81 4.70
N TYR A 363 -8.75 -11.07 4.94
CA TYR A 363 -8.34 -11.95 3.85
C TYR A 363 -9.46 -12.12 2.83
N VAL A 364 -10.67 -12.41 3.30
CA VAL A 364 -11.78 -12.61 2.38
C VAL A 364 -12.09 -11.32 1.65
N ASN A 365 -11.90 -10.17 2.31
CA ASN A 365 -12.15 -8.90 1.66
C ASN A 365 -11.08 -8.59 0.62
N GLY A 366 -9.84 -9.06 0.84
CA GLY A 366 -8.77 -8.79 -0.09
C GLY A 366 -8.79 -9.65 -1.33
N ASN A 367 -9.40 -10.85 -1.23
CA ASN A 367 -9.44 -11.78 -2.35
C ASN A 367 -10.79 -11.80 -3.06
N MET A 368 -11.86 -11.33 -2.41
CA MET A 368 -13.19 -11.28 -3.01
C MET A 368 -13.80 -9.91 -2.75
N GLU A 369 -13.11 -8.87 -3.23
CA GLU A 369 -13.43 -7.51 -2.82
C GLU A 369 -14.76 -7.02 -3.37
N ASN A 370 -15.20 -7.54 -4.51
CA ASN A 370 -16.50 -7.11 -5.04
C ASN A 370 -17.65 -7.83 -4.34
N ALA A 371 -17.49 -9.12 -4.04
CA ALA A 371 -18.52 -9.83 -3.29
C ALA A 371 -18.65 -9.27 -1.87
N VAL A 372 -17.53 -8.91 -1.25
CA VAL A 372 -17.59 -8.40 0.11
C VAL A 372 -18.00 -6.93 0.11
N GLY A 373 -17.59 -6.17 -0.90
CA GLY A 373 -18.06 -4.80 -1.02
C GLY A 373 -19.57 -4.72 -1.13
N ARG A 374 -20.17 -5.67 -1.84
CA ARG A 374 -21.62 -5.75 -1.94
C ARG A 374 -22.26 -5.92 -0.57
N LEU A 375 -21.72 -6.84 0.24
CA LEU A 375 -22.27 -7.06 1.58
C LEU A 375 -22.06 -5.84 2.46
N TYR A 376 -20.95 -5.12 2.28
CA TYR A 376 -20.66 -3.99 3.16
C TYR A 376 -21.55 -2.80 2.84
N VAL A 377 -21.79 -2.51 1.56
CA VAL A 377 -22.60 -1.36 1.20
C VAL A 377 -24.06 -1.62 1.53
N GLU A 378 -24.55 -2.83 1.23
CA GLU A 378 -25.93 -3.17 1.57
C GLU A 378 -26.21 -2.98 3.06
N ALA A 379 -25.20 -3.16 3.90
CA ALA A 379 -25.37 -3.12 5.35
C ALA A 379 -25.01 -1.79 5.98
N ALA A 380 -24.04 -1.06 5.42
CA ALA A 380 -23.45 0.08 6.11
C ALA A 380 -23.33 1.35 5.29
N PHE A 381 -23.63 1.35 4.00
CA PHE A 381 -23.47 2.52 3.15
C PHE A 381 -24.83 3.10 2.77
N ALA A 382 -24.89 4.43 2.67
CA ALA A 382 -26.17 5.13 2.53
C ALA A 382 -26.67 5.12 1.09
N GLY A 383 -25.94 5.73 0.18
CA GLY A 383 -26.41 5.95 -1.18
C GLY A 383 -26.72 7.41 -1.43
N GLU A 384 -27.40 8.05 -0.47
CA GLU A 384 -27.48 9.50 -0.44
C GLU A 384 -26.08 10.11 -0.50
N SER A 385 -25.13 9.48 0.19
CA SER A 385 -23.77 10.00 0.26
C SER A 385 -23.13 10.10 -1.11
N LYS A 386 -23.44 9.17 -2.01
CA LYS A 386 -22.74 9.10 -3.28
C LYS A 386 -22.87 10.40 -4.07
N HIS A 387 -24.05 11.01 -4.07
CA HIS A 387 -24.28 12.20 -4.87
C HIS A 387 -23.69 13.45 -4.24
N VAL A 388 -23.60 13.50 -2.91
CA VAL A 388 -23.03 14.67 -2.25
C VAL A 388 -21.52 14.75 -2.51
N VAL A 389 -20.86 13.59 -2.58
CA VAL A 389 -19.42 13.58 -2.81
C VAL A 389 -19.10 13.96 -4.26
N GLU A 390 -19.90 13.48 -5.21
CA GLU A 390 -19.79 13.95 -6.58
C GLU A 390 -19.77 15.47 -6.62
N ASP A 391 -20.70 16.10 -5.90
CA ASP A 391 -20.74 17.54 -5.81
C ASP A 391 -19.43 18.10 -5.25
N LEU A 392 -18.90 17.47 -4.21
CA LEU A 392 -17.66 17.95 -3.60
C LEU A 392 -16.47 17.80 -4.55
N ILE A 393 -16.39 16.67 -5.26
CA ILE A 393 -15.31 16.48 -6.22
C ILE A 393 -15.42 17.51 -7.33
N ALA A 394 -16.64 17.87 -7.72
CA ALA A 394 -16.83 18.92 -8.71
C ALA A 394 -16.30 20.25 -8.21
N GLN A 395 -16.56 20.57 -6.94
CA GLN A 395 -16.07 21.84 -6.38
C GLN A 395 -14.56 21.85 -6.30
N ILE A 396 -13.95 20.72 -5.92
CA ILE A 396 -12.51 20.69 -5.71
C ILE A 396 -11.78 20.72 -7.04
N ARG A 397 -12.23 19.92 -8.01
CA ARG A 397 -11.61 19.92 -9.33
C ARG A 397 -11.57 21.32 -9.92
N GLU A 398 -12.62 22.11 -9.68
CA GLU A 398 -12.67 23.47 -10.23
C GLU A 398 -11.75 24.40 -9.46
N VAL A 399 -11.63 24.23 -8.14
CA VAL A 399 -10.70 25.03 -7.36
C VAL A 399 -9.27 24.78 -7.82
N PHE A 400 -8.95 23.55 -8.23
CA PHE A 400 -7.62 23.27 -8.75
C PHE A 400 -7.39 23.97 -10.08
N ILE A 401 -8.38 23.92 -10.98
CA ILE A 401 -8.26 24.61 -12.26
C ILE A 401 -8.19 26.12 -12.04
N GLN A 402 -9.15 26.67 -11.30
CA GLN A 402 -9.12 28.08 -10.92
C GLN A 402 -7.74 28.50 -10.44
N THR A 403 -7.12 27.67 -9.61
CA THR A 403 -5.84 28.01 -8.99
C THR A 403 -4.70 28.01 -10.00
N LEU A 404 -4.84 27.32 -11.14
CA LEU A 404 -3.79 27.34 -12.14
C LEU A 404 -3.46 28.76 -12.58
N ASP A 405 -4.47 29.63 -12.64
CA ASP A 405 -4.25 30.99 -13.15
C ASP A 405 -3.42 31.81 -12.18
N ASP A 406 -3.61 31.60 -10.87
CA ASP A 406 -2.85 32.34 -9.86
C ASP A 406 -1.40 31.89 -9.76
N LEU A 407 -1.05 30.74 -10.34
CA LEU A 407 0.30 30.20 -10.19
C LEU A 407 1.28 30.98 -11.08
N THR A 408 2.34 31.50 -10.47
CA THR A 408 3.29 32.33 -11.20
C THR A 408 4.50 31.57 -11.72
N TRP A 409 4.68 30.30 -11.33
CA TRP A 409 5.84 29.52 -11.73
C TRP A 409 5.57 28.59 -12.90
N MET A 410 4.39 28.68 -13.52
CA MET A 410 4.07 27.92 -14.72
C MET A 410 3.74 28.89 -15.85
N ASP A 411 4.18 28.53 -17.06
CA ASP A 411 3.83 29.32 -18.23
C ASP A 411 2.46 28.89 -18.76
N ALA A 412 1.92 29.70 -19.66
CA ALA A 412 0.55 29.51 -20.12
C ALA A 412 0.37 28.12 -20.73
N GLU A 413 1.30 27.69 -21.58
CA GLU A 413 1.12 26.45 -22.31
C GLU A 413 1.13 25.24 -21.37
N THR A 414 1.93 25.28 -20.30
CA THR A 414 1.88 24.18 -19.35
C THR A 414 0.61 24.23 -18.50
N LYS A 415 0.11 25.43 -18.21
CA LYS A 415 -1.17 25.54 -17.49
C LYS A 415 -2.32 25.00 -18.32
N LYS A 416 -2.35 25.34 -19.62
CA LYS A 416 -3.43 24.85 -20.48
C LYS A 416 -3.46 23.32 -20.49
N ARG A 417 -2.29 22.68 -20.53
CA ARG A 417 -2.24 21.23 -20.52
C ARG A 417 -2.44 20.65 -19.14
N ALA A 418 -2.13 21.40 -18.09
CA ALA A 418 -2.50 20.97 -16.74
C ALA A 418 -4.01 20.98 -16.57
N GLU A 419 -4.69 21.99 -17.11
CA GLU A 419 -6.14 22.04 -17.03
C GLU A 419 -6.77 20.89 -17.81
N GLU A 420 -6.16 20.51 -18.93
CA GLU A 420 -6.69 19.40 -19.72
C GLU A 420 -6.69 18.12 -18.90
N LYS A 421 -5.56 17.79 -18.27
CA LYS A 421 -5.50 16.58 -17.45
C LYS A 421 -6.53 16.62 -16.33
N ALA A 422 -6.61 17.76 -15.63
CA ALA A 422 -7.56 17.88 -14.53
C ALA A 422 -8.99 17.62 -14.99
N LEU A 423 -9.37 18.19 -16.13
CA LEU A 423 -10.73 18.00 -16.64
C LEU A 423 -11.00 16.54 -17.01
N ALA A 424 -9.96 15.79 -17.34
CA ALA A 424 -10.08 14.41 -17.78
C ALA A 424 -10.03 13.40 -16.64
N ILE A 425 -9.91 13.84 -15.39
CA ILE A 425 -9.76 12.91 -14.28
C ILE A 425 -11.09 12.20 -14.05
N LYS A 426 -11.02 10.88 -13.93
CA LYS A 426 -12.19 10.03 -13.78
C LYS A 426 -12.38 9.69 -12.31
N GLU A 427 -13.64 9.75 -11.85
CA GLU A 427 -13.95 9.63 -10.43
C GLU A 427 -14.73 8.35 -10.17
N ARG A 428 -14.37 7.67 -9.08
CA ARG A 428 -15.09 6.50 -8.59
C ARG A 428 -15.50 6.79 -7.14
N ILE A 429 -16.80 6.75 -6.88
CA ILE A 429 -17.34 7.10 -5.57
C ILE A 429 -18.16 5.94 -5.03
N GLY A 430 -17.82 5.48 -3.83
CA GLY A 430 -18.64 4.55 -3.10
C GLY A 430 -18.44 3.09 -3.50
N TYR A 431 -19.09 2.67 -4.58
CA TYR A 431 -18.97 1.30 -5.06
C TYR A 431 -19.47 1.24 -6.48
N PRO A 432 -19.03 0.26 -7.27
CA PRO A 432 -19.61 0.05 -8.60
C PRO A 432 -21.03 -0.48 -8.46
N ASP A 433 -21.95 0.13 -9.21
CA ASP A 433 -23.35 -0.21 -9.03
C ASP A 433 -23.65 -1.66 -9.41
N ASP A 434 -22.87 -2.24 -10.32
CA ASP A 434 -23.20 -3.57 -10.83
C ASP A 434 -22.80 -4.70 -9.89
N ILE A 435 -22.05 -4.44 -8.82
CA ILE A 435 -21.78 -5.50 -7.84
C ILE A 435 -23.00 -5.81 -7.00
N VAL A 436 -24.01 -4.95 -7.03
CA VAL A 436 -25.26 -5.17 -6.31
C VAL A 436 -26.38 -5.62 -7.24
N SER A 437 -26.41 -5.09 -8.45
CA SER A 437 -27.53 -5.30 -9.36
C SER A 437 -27.32 -6.49 -10.29
N ASN A 438 -26.09 -6.73 -10.72
CA ASN A 438 -25.80 -7.77 -11.71
C ASN A 438 -25.22 -8.98 -10.97
N ASP A 439 -26.09 -9.90 -10.59
CA ASP A 439 -25.66 -11.09 -9.87
C ASP A 439 -24.85 -12.02 -10.77
N ASN A 440 -25.17 -12.07 -12.06
CA ASN A 440 -24.44 -12.94 -12.98
C ASN A 440 -22.97 -12.51 -13.10
N LYS A 441 -22.74 -11.23 -13.36
CA LYS A 441 -21.36 -10.75 -13.49
C LYS A 441 -20.54 -11.03 -12.25
N LEU A 442 -21.15 -10.98 -11.06
CA LEU A 442 -20.40 -11.19 -9.84
C LEU A 442 -20.10 -12.67 -9.62
N ASN A 443 -21.07 -13.54 -9.86
CA ASN A 443 -20.82 -14.98 -9.76
C ASN A 443 -19.73 -15.41 -10.72
N ASN A 444 -19.71 -14.83 -11.93
CA ASN A 444 -18.73 -15.22 -12.92
C ASN A 444 -17.33 -14.76 -12.56
N GLU A 445 -17.22 -13.70 -11.75
CA GLU A 445 -15.90 -13.27 -11.30
C GLU A 445 -15.18 -14.37 -10.51
N TYR A 446 -15.95 -15.21 -9.80
CA TYR A 446 -15.39 -16.24 -8.93
C TYR A 446 -15.79 -17.64 -9.38
N LEU A 447 -16.24 -17.79 -10.62
CA LEU A 447 -16.76 -19.07 -11.08
C LEU A 447 -15.69 -20.16 -11.05
N GLU A 448 -14.46 -19.81 -11.41
CA GLU A 448 -13.36 -20.77 -11.45
C GLU A 448 -12.87 -21.16 -10.08
N LEU A 449 -13.47 -20.63 -9.02
CA LEU A 449 -13.04 -20.89 -7.64
C LEU A 449 -14.03 -21.81 -6.95
N ASN A 450 -13.51 -22.72 -6.14
CA ASN A 450 -14.34 -23.67 -5.40
C ASN A 450 -13.62 -23.99 -4.10
N TYR A 451 -14.21 -23.56 -2.98
CA TYR A 451 -13.58 -23.60 -1.67
C TYR A 451 -14.10 -24.77 -0.86
N LYS A 452 -13.18 -25.54 -0.27
CA LYS A 452 -13.52 -26.56 0.71
C LYS A 452 -13.34 -25.97 2.10
N GLU A 453 -14.27 -26.29 3.00
CA GLU A 453 -14.32 -25.56 4.27
C GLU A 453 -13.29 -26.06 5.27
N ASP A 454 -12.98 -27.35 5.27
CA ASP A 454 -11.97 -27.88 6.19
C ASP A 454 -10.55 -27.73 5.66
N GLU A 455 -10.37 -27.17 4.46
CA GLU A 455 -9.06 -27.11 3.81
C GLU A 455 -8.68 -25.65 3.57
N TYR A 456 -8.41 -24.93 4.67
CA TYR A 456 -8.07 -23.51 4.53
C TYR A 456 -6.80 -23.33 3.72
N PHE A 457 -5.79 -24.15 3.96
CA PHE A 457 -4.51 -23.97 3.27
C PHE A 457 -4.67 -24.20 1.77
N GLU A 458 -5.51 -25.15 1.38
CA GLU A 458 -5.74 -25.40 -0.04
C GLU A 458 -6.48 -24.23 -0.69
N ASN A 459 -7.35 -23.56 0.06
CA ASN A 459 -8.07 -22.42 -0.47
C ASN A 459 -7.12 -21.27 -0.80
N ILE A 460 -6.20 -20.95 0.12
CA ILE A 460 -5.31 -19.81 -0.10
C ILE A 460 -4.36 -20.08 -1.26
N ILE A 461 -3.94 -21.33 -1.45
CA ILE A 461 -3.10 -21.67 -2.59
C ILE A 461 -3.87 -21.49 -3.89
N GLN A 462 -5.13 -21.95 -3.90
CA GLN A 462 -6.01 -21.71 -5.03
C GLN A 462 -6.05 -20.23 -5.38
N ASN A 463 -6.12 -19.36 -4.37
CA ASN A 463 -6.25 -17.93 -4.62
C ASN A 463 -4.97 -17.33 -5.16
N LEU A 464 -3.80 -17.85 -4.76
CA LEU A 464 -2.55 -17.36 -5.32
C LEU A 464 -2.46 -17.68 -6.81
N LYS A 465 -2.74 -18.94 -7.18
CA LYS A 465 -2.67 -19.35 -8.58
C LYS A 465 -3.72 -18.61 -9.41
N PHE A 466 -4.94 -18.49 -8.90
CA PHE A 466 -5.97 -17.73 -9.59
C PHE A 466 -5.58 -16.27 -9.77
N SER A 467 -5.03 -15.66 -8.71
CA SER A 467 -4.66 -14.24 -8.81
C SER A 467 -3.54 -14.04 -9.83
N GLN A 468 -2.58 -14.97 -9.89
CA GLN A 468 -1.47 -14.81 -10.81
C GLN A 468 -1.87 -15.19 -12.23
N SER A 469 -2.62 -16.29 -12.38
CA SER A 469 -3.07 -16.70 -13.70
C SER A 469 -3.88 -15.60 -14.38
N LYS A 470 -4.71 -14.88 -13.62
CA LYS A 470 -5.53 -13.84 -14.22
C LYS A 470 -4.69 -12.63 -14.62
N GLN A 471 -3.60 -12.37 -13.90
CA GLN A 471 -2.74 -11.24 -14.25
C GLN A 471 -1.87 -11.56 -15.47
N LEU A 472 -1.38 -12.80 -15.56
CA LEU A 472 -0.58 -13.21 -16.71
C LEU A 472 -1.41 -13.21 -17.99
N LYS A 473 -2.71 -13.50 -17.88
CA LYS A 473 -3.57 -13.54 -19.07
C LYS A 473 -3.79 -12.16 -19.65
N LYS A 474 -3.51 -11.09 -18.91
CA LYS A 474 -3.78 -9.73 -19.35
C LYS A 474 -2.75 -9.21 -20.36
N LEU A 475 -1.71 -9.98 -20.69
CA LEU A 475 -0.62 -9.46 -21.50
C LEU A 475 -1.13 -8.95 -22.84
N ARG A 476 -1.99 -9.73 -23.51
CA ARG A 476 -2.41 -9.45 -24.87
C ARG A 476 -3.78 -8.79 -24.96
N GLU A 477 -4.33 -8.32 -23.85
CA GLU A 477 -5.64 -7.68 -23.83
C GLU A 477 -5.49 -6.23 -23.42
N LYS A 478 -6.51 -5.45 -23.74
CA LYS A 478 -6.49 -4.03 -23.44
C LYS A 478 -6.95 -3.76 -22.01
N VAL A 479 -6.42 -2.69 -21.43
CA VAL A 479 -6.80 -2.31 -20.08
C VAL A 479 -8.29 -2.05 -20.03
N ASP A 480 -9.00 -2.82 -19.20
CA ASP A 480 -10.41 -2.57 -18.95
C ASP A 480 -10.56 -1.23 -18.23
N LYS A 481 -11.36 -0.33 -18.80
CA LYS A 481 -11.50 1.00 -18.24
C LYS A 481 -12.55 1.05 -17.13
N ASP A 482 -13.58 0.21 -17.23
CA ASP A 482 -14.62 0.17 -16.20
C ASP A 482 -14.10 -0.34 -14.85
N GLU A 483 -12.92 -0.94 -14.81
CA GLU A 483 -12.45 -1.61 -13.61
C GLU A 483 -12.15 -0.61 -12.51
N TRP A 484 -12.53 -0.96 -11.28
CA TRP A 484 -12.22 -0.16 -10.12
C TRP A 484 -10.86 -0.58 -9.55
N ILE A 485 -10.05 0.40 -9.15
CA ILE A 485 -8.74 0.11 -8.58
C ILE A 485 -8.81 -0.24 -7.11
N SER A 486 -10.00 -0.29 -6.51
CA SER A 486 -10.13 -0.62 -5.10
C SER A 486 -11.54 -1.14 -4.83
N GLY A 487 -11.64 -2.04 -3.85
CA GLY A 487 -12.93 -2.45 -3.37
C GLY A 487 -13.60 -1.38 -2.53
N ALA A 488 -14.90 -1.55 -2.31
CA ALA A 488 -15.68 -0.54 -1.61
C ALA A 488 -15.48 -0.60 -0.10
N ALA A 489 -15.16 -1.78 0.45
CA ALA A 489 -15.03 -1.96 1.89
C ALA A 489 -13.60 -1.65 2.34
N VAL A 490 -13.20 -0.41 2.10
CA VAL A 490 -11.83 0.05 2.30
C VAL A 490 -11.88 1.44 2.89
N VAL A 491 -11.11 1.68 3.94
CA VAL A 491 -11.02 3.03 4.50
C VAL A 491 -9.76 3.68 3.97
N ASN A 492 -9.81 4.16 2.73
CA ASN A 492 -8.73 4.92 2.12
C ASN A 492 -9.29 5.58 0.86
N ALA A 493 -8.42 6.25 0.13
CA ALA A 493 -8.72 6.76 -1.21
C ALA A 493 -7.45 6.63 -2.05
N PHE A 494 -7.61 6.64 -3.37
CA PHE A 494 -6.49 6.30 -4.25
C PHE A 494 -6.50 7.18 -5.50
N TYR A 495 -5.31 7.27 -6.11
CA TYR A 495 -5.16 7.83 -7.45
C TYR A 495 -4.33 6.87 -8.30
N SER A 496 -4.74 6.69 -9.56
CA SER A 496 -4.02 5.86 -10.52
C SER A 496 -3.51 6.75 -11.64
N SER A 497 -2.19 6.87 -11.76
CA SER A 497 -1.62 7.70 -12.83
C SER A 497 -1.83 7.05 -14.19
N GLY A 498 -1.82 5.71 -14.26
CA GLY A 498 -2.03 5.01 -15.51
C GLY A 498 -3.44 5.12 -16.05
N ARG A 499 -4.42 5.37 -15.17
CA ARG A 499 -5.79 5.58 -15.58
C ARG A 499 -6.26 7.01 -15.42
N ASN A 500 -5.50 7.85 -14.72
CA ASN A 500 -5.93 9.21 -14.40
C ASN A 500 -7.28 9.17 -13.68
N GLN A 501 -7.30 8.45 -12.56
CA GLN A 501 -8.54 8.05 -11.90
C GLN A 501 -8.39 8.19 -10.39
N ILE A 502 -9.31 8.95 -9.77
CA ILE A 502 -9.38 9.09 -8.32
C ILE A 502 -10.52 8.22 -7.81
N VAL A 503 -10.33 7.60 -6.65
CA VAL A 503 -11.32 6.68 -6.11
C VAL A 503 -11.52 6.95 -4.63
N PHE A 504 -12.78 6.91 -4.20
CA PHE A 504 -13.16 7.21 -2.82
C PHE A 504 -14.14 6.12 -2.39
N PRO A 505 -13.62 4.99 -1.92
CA PRO A 505 -14.50 3.88 -1.51
C PRO A 505 -15.46 4.28 -0.40
N ALA A 506 -16.54 3.50 -0.31
CA ALA A 506 -17.55 3.72 0.73
C ALA A 506 -16.93 3.75 2.13
N GLY A 507 -15.84 3.00 2.33
CA GLY A 507 -15.29 2.89 3.67
C GLY A 507 -14.79 4.20 4.24
N ILE A 508 -14.34 5.11 3.37
CA ILE A 508 -13.81 6.39 3.84
C ILE A 508 -14.87 7.48 3.84
N LEU A 509 -16.07 7.20 3.31
CA LEU A 509 -17.15 8.17 3.27
C LEU A 509 -18.00 8.08 4.54
N GLN A 510 -17.33 8.25 5.68
CA GLN A 510 -17.97 8.30 6.98
C GLN A 510 -17.20 9.29 7.85
N PRO A 511 -17.78 9.75 8.94
CA PRO A 511 -17.05 10.67 9.81
C PRO A 511 -15.78 10.05 10.32
N PRO A 512 -14.76 10.87 10.64
CA PRO A 512 -14.75 12.33 10.59
C PRO A 512 -14.63 12.89 9.18
N PHE A 513 -14.39 12.01 8.20
CA PHE A 513 -14.15 12.46 6.84
C PHE A 513 -15.39 13.14 6.26
N PHE A 514 -16.52 12.45 6.26
CA PHE A 514 -17.69 12.97 5.58
C PHE A 514 -18.97 12.43 6.22
N SER A 515 -20.03 13.22 6.10
CA SER A 515 -21.39 12.80 6.40
C SER A 515 -22.35 13.88 5.91
N ALA A 516 -23.45 13.46 5.29
CA ALA A 516 -24.43 14.42 4.81
C ALA A 516 -25.07 15.21 5.94
N GLN A 517 -24.81 14.84 7.20
CA GLN A 517 -25.43 15.49 8.36
C GLN A 517 -24.44 16.24 9.24
N GLN A 518 -23.14 16.20 8.95
CA GLN A 518 -22.17 16.94 9.74
C GLN A 518 -21.84 18.27 9.06
N SER A 519 -21.36 19.21 9.86
CA SER A 519 -21.10 20.55 9.36
C SER A 519 -20.18 20.52 8.15
N ASN A 520 -20.37 21.48 7.26
CA ASN A 520 -19.57 21.53 6.03
C ASN A 520 -18.11 21.80 6.33
N SER A 521 -17.83 22.64 7.33
CA SER A 521 -16.44 22.90 7.70
C SER A 521 -15.71 21.59 7.97
N LEU A 522 -16.39 20.59 8.51
CA LEU A 522 -15.79 19.29 8.77
C LEU A 522 -15.63 18.50 7.46
N ASN A 523 -16.68 18.46 6.64
CA ASN A 523 -16.61 17.72 5.38
C ASN A 523 -15.46 18.22 4.52
N TYR A 524 -15.32 19.54 4.36
CA TYR A 524 -14.25 20.07 3.54
C TYR A 524 -12.88 19.77 4.14
N GLY A 525 -12.73 20.01 5.45
CA GLY A 525 -11.48 19.67 6.11
C GLY A 525 -11.18 18.19 6.17
N GLY A 526 -12.19 17.35 5.95
CA GLY A 526 -12.06 15.91 6.02
C GLY A 526 -11.95 15.32 4.64
N ILE A 527 -13.07 14.95 4.04
CA ILE A 527 -13.04 14.31 2.73
C ILE A 527 -12.60 15.30 1.66
N GLY A 528 -12.93 16.58 1.84
CA GLY A 528 -12.48 17.59 0.88
C GLY A 528 -10.97 17.62 0.73
N MET A 529 -10.25 17.56 1.85
CA MET A 529 -8.79 17.54 1.79
C MET A 529 -8.28 16.24 1.17
N VAL A 530 -8.96 15.13 1.45
CA VAL A 530 -8.59 13.87 0.83
C VAL A 530 -8.80 13.94 -0.68
N ILE A 531 -9.88 14.58 -1.12
CA ILE A 531 -10.16 14.66 -2.55
C ILE A 531 -9.09 15.48 -3.26
N GLY A 532 -8.76 16.65 -2.71
CA GLY A 532 -7.68 17.43 -3.28
C GLY A 532 -6.36 16.69 -3.25
N HIS A 533 -6.14 15.89 -2.20
CA HIS A 533 -4.91 15.10 -2.10
C HIS A 533 -4.80 14.13 -3.26
N GLU A 534 -5.87 13.39 -3.55
CA GLU A 534 -5.84 12.43 -4.64
C GLU A 534 -5.73 13.13 -5.98
N ILE A 535 -6.40 14.26 -6.14
CA ILE A 535 -6.29 15.03 -7.38
C ILE A 535 -4.86 15.51 -7.59
N THR A 536 -4.25 16.06 -6.53
CA THR A 536 -2.89 16.57 -6.63
C THR A 536 -1.87 15.47 -6.92
N HIS A 537 -2.22 14.21 -6.65
CA HIS A 537 -1.33 13.11 -7.00
C HIS A 537 -1.07 13.05 -8.49
N GLY A 538 -2.08 13.43 -9.30
CA GLY A 538 -1.88 13.52 -10.72
C GLY A 538 -0.92 14.61 -11.15
N PHE A 539 -0.36 15.36 -10.18
CA PHE A 539 0.49 16.49 -10.50
C PHE A 539 1.74 16.58 -9.61
N ASP A 540 2.07 15.53 -8.85
CA ASP A 540 3.24 15.60 -7.98
C ASP A 540 4.50 15.24 -8.78
N ASP A 541 5.61 15.03 -8.07
CA ASP A 541 6.87 14.76 -8.74
C ASP A 541 6.83 13.51 -9.61
N ASN A 542 5.83 12.65 -9.43
CA ASN A 542 5.69 11.43 -10.21
C ASN A 542 4.49 11.46 -11.15
N GLY A 543 3.32 11.89 -10.65
CA GLY A 543 2.12 11.92 -11.48
C GLY A 543 2.16 12.98 -12.57
N ARG A 544 2.98 14.02 -12.41
CA ARG A 544 3.04 15.06 -13.42
C ARG A 544 3.61 14.55 -14.74
N ASN A 545 4.28 13.41 -14.73
CA ASN A 545 4.86 12.86 -15.95
C ASN A 545 3.84 12.12 -16.82
N PHE A 546 2.58 12.04 -16.39
CA PHE A 546 1.55 11.32 -17.12
C PHE A 546 0.51 12.30 -17.64
N ASN A 547 0.14 12.14 -18.91
CA ASN A 547 -0.81 13.05 -19.52
C ASN A 547 -2.24 12.70 -19.11
N LYS A 548 -3.23 13.21 -19.85
CA LYS A 548 -4.62 13.02 -19.49
C LYS A 548 -5.12 11.61 -19.74
N ASP A 549 -4.34 10.76 -20.41
CA ASP A 549 -4.76 9.41 -20.75
C ASP A 549 -3.92 8.35 -20.04
N GLY A 550 -3.15 8.73 -19.03
CA GLY A 550 -2.31 7.78 -18.32
C GLY A 550 -1.01 7.44 -19.02
N ASP A 551 -0.57 8.27 -19.97
CA ASP A 551 0.62 8.00 -20.77
C ASP A 551 1.80 8.77 -20.22
N LEU A 552 2.93 8.07 -20.01
CA LEU A 552 4.15 8.68 -19.54
C LEU A 552 4.76 9.54 -20.64
N VAL A 553 4.41 10.83 -20.67
CA VAL A 553 4.87 11.73 -21.72
C VAL A 553 5.08 13.11 -21.12
N ASP A 554 6.17 13.76 -21.53
CA ASP A 554 6.48 15.11 -21.08
C ASP A 554 5.48 16.08 -21.68
N TRP A 555 4.76 16.82 -20.84
CA TRP A 555 3.94 17.93 -21.29
C TRP A 555 4.32 19.25 -20.60
N TRP A 556 5.51 19.30 -20.00
CA TRP A 556 5.99 20.48 -19.30
C TRP A 556 7.08 21.16 -20.12
N THR A 557 7.08 22.49 -20.12
CA THR A 557 8.18 23.25 -20.68
C THR A 557 9.43 23.09 -19.81
N GLN A 558 10.60 23.23 -20.43
CA GLN A 558 11.84 23.17 -19.66
C GLN A 558 11.75 24.07 -18.44
N GLN A 559 11.19 25.27 -18.61
CA GLN A 559 11.16 26.22 -17.51
C GLN A 559 10.18 25.77 -16.43
N SER A 560 8.98 25.34 -16.82
CA SER A 560 7.98 24.95 -15.84
C SER A 560 8.38 23.69 -15.08
N ALA A 561 9.09 22.77 -15.76
CA ALA A 561 9.64 21.62 -15.04
C ALA A 561 10.70 22.06 -14.04
N SER A 562 11.66 22.86 -14.50
CA SER A 562 12.71 23.35 -13.61
C SER A 562 12.13 24.06 -12.40
N ASN A 563 11.07 24.84 -12.59
CA ASN A 563 10.46 25.57 -11.49
C ASN A 563 9.74 24.63 -10.53
N PHE A 564 9.02 23.63 -11.07
CA PHE A 564 8.35 22.65 -10.22
C PHE A 564 9.34 22.02 -9.26
N LYS A 565 10.51 21.60 -9.77
CA LYS A 565 11.55 21.10 -8.90
C LYS A 565 11.97 22.15 -7.88
N GLU A 566 12.12 23.39 -8.34
CA GLU A 566 12.52 24.47 -7.45
C GLU A 566 11.50 24.67 -6.33
N GLN A 567 10.22 24.78 -6.68
CA GLN A 567 9.19 25.00 -5.68
C GLN A 567 9.13 23.84 -4.69
N SER A 568 9.23 22.61 -5.20
CA SER A 568 9.10 21.44 -4.35
C SER A 568 10.33 21.16 -3.52
N GLN A 569 11.47 21.79 -3.82
CA GLN A 569 12.66 21.59 -3.00
C GLN A 569 12.46 22.14 -1.59
N CYS A 570 11.61 23.16 -1.45
CA CYS A 570 11.30 23.70 -0.13
C CYS A 570 10.73 22.61 0.77
N MET A 571 9.76 21.84 0.27
CA MET A 571 9.15 20.79 1.07
C MET A 571 10.13 19.66 1.36
N VAL A 572 11.06 19.40 0.43
CA VAL A 572 12.08 18.38 0.69
C VAL A 572 12.86 18.73 1.94
N TYR A 573 13.32 19.98 2.04
CA TYR A 573 14.11 20.39 3.19
C TYR A 573 13.26 20.49 4.44
N GLN A 574 12.03 20.99 4.32
CA GLN A 574 11.15 21.10 5.47
C GLN A 574 11.02 19.77 6.19
N TYR A 575 10.43 18.78 5.51
CA TYR A 575 10.18 17.49 6.14
C TYR A 575 11.47 16.75 6.45
N GLY A 576 12.49 16.89 5.60
CA GLY A 576 13.78 16.28 5.88
C GLY A 576 14.44 16.77 7.15
N ASN A 577 13.99 17.92 7.68
CA ASN A 577 14.50 18.44 8.94
C ASN A 577 13.69 18.02 10.16
N PHE A 578 12.58 17.31 9.95
CA PHE A 578 11.82 16.78 11.08
C PHE A 578 12.52 15.54 11.62
N SER A 579 12.69 15.50 12.94
CA SER A 579 13.19 14.32 13.63
C SER A 579 12.04 13.60 14.30
N TRP A 580 12.07 12.27 14.24
CA TRP A 580 11.00 11.44 14.78
C TRP A 580 11.53 10.76 16.05
N ASP A 581 11.08 11.25 17.21
CA ASP A 581 11.50 10.65 18.47
C ASP A 581 11.24 9.16 18.49
N LEU A 582 10.07 8.74 18.01
CA LEU A 582 9.70 7.32 18.04
C LEU A 582 10.64 6.47 17.20
N ALA A 583 11.25 7.05 16.16
CA ALA A 583 12.21 6.34 15.35
C ALA A 583 13.65 6.57 15.81
N GLY A 584 13.83 7.08 17.03
CA GLY A 584 15.16 7.32 17.54
C GLY A 584 15.80 8.60 17.04
N GLY A 585 15.02 9.67 16.90
CA GLY A 585 15.55 10.93 16.43
C GLY A 585 15.98 10.93 14.98
N GLN A 586 15.88 9.80 14.29
CA GLN A 586 16.16 9.77 12.86
C GLN A 586 15.33 10.82 12.13
N HIS A 587 15.88 11.32 11.04
CA HIS A 587 15.18 12.29 10.21
C HIS A 587 14.27 11.58 9.22
N LEU A 588 13.14 12.22 8.90
CA LEU A 588 12.30 11.76 7.82
C LEU A 588 13.02 11.92 6.49
N ASN A 589 12.76 11.00 5.57
CA ASN A 589 13.34 11.07 4.22
C ASN A 589 12.49 12.03 3.39
N GLY A 590 12.94 13.28 3.30
CA GLY A 590 12.16 14.31 2.62
C GLY A 590 11.99 14.06 1.13
N ILE A 591 12.84 13.23 0.53
CA ILE A 591 12.71 12.91 -0.88
C ILE A 591 11.58 11.91 -1.10
N ASN A 592 11.65 10.76 -0.41
CA ASN A 592 10.66 9.72 -0.61
C ASN A 592 9.28 10.10 -0.12
N THR A 593 9.17 11.13 0.73
CA THR A 593 7.88 11.63 1.17
C THR A 593 7.40 12.84 0.40
N LEU A 594 8.19 13.34 -0.56
CA LEU A 594 7.85 14.59 -1.23
C LEU A 594 6.49 14.51 -1.91
N GLY A 595 6.26 13.46 -2.70
CA GLY A 595 5.02 13.36 -3.44
C GLY A 595 3.80 13.46 -2.54
N GLU A 596 3.86 12.82 -1.36
CA GLU A 596 2.73 12.82 -0.46
C GLU A 596 2.56 14.14 0.27
N ASN A 597 3.67 14.81 0.60
CA ASN A 597 3.58 16.11 1.25
C ASN A 597 3.12 17.18 0.28
N ILE A 598 3.49 17.06 -1.00
CA ILE A 598 2.89 17.91 -2.03
C ILE A 598 1.38 17.73 -2.03
N ALA A 599 0.93 16.47 -2.07
CA ALA A 599 -0.50 16.19 -2.09
C ALA A 599 -1.19 16.70 -0.83
N ASP A 600 -0.57 16.47 0.33
CA ASP A 600 -1.17 16.95 1.59
C ASP A 600 -1.28 18.48 1.59
N ASN A 601 -0.28 19.17 1.05
CA ASN A 601 -0.27 20.63 1.10
C ASN A 601 -1.18 21.23 0.03
N GLY A 602 -1.12 20.73 -1.19
CA GLY A 602 -2.06 21.16 -2.20
C GLY A 602 -3.48 20.80 -1.85
N GLY A 603 -3.69 19.58 -1.35
CA GLY A 603 -5.04 19.12 -1.06
C GLY A 603 -5.73 19.97 -0.02
N LEU A 604 -5.06 20.23 1.10
CA LEU A 604 -5.67 21.06 2.14
C LEU A 604 -5.93 22.47 1.64
N GLY A 605 -5.01 23.01 0.82
CA GLY A 605 -5.22 24.32 0.24
C GLY A 605 -6.44 24.36 -0.66
N GLN A 606 -6.62 23.33 -1.48
CA GLN A 606 -7.78 23.27 -2.38
C GLN A 606 -9.09 23.16 -1.60
N ALA A 607 -9.10 22.38 -0.53
CA ALA A 607 -10.33 22.21 0.25
C ALA A 607 -10.72 23.51 0.94
N TYR A 608 -9.77 24.20 1.54
CA TYR A 608 -10.04 25.48 2.20
C TYR A 608 -10.67 26.46 1.23
N ARG A 609 -10.07 26.62 0.04
CA ARG A 609 -10.61 27.53 -0.95
C ARG A 609 -11.96 27.06 -1.48
N ALA A 610 -12.25 25.77 -1.39
CA ALA A 610 -13.59 25.30 -1.72
C ALA A 610 -14.60 25.62 -0.63
N TYR A 611 -14.16 25.61 0.64
CA TYR A 611 -15.04 25.99 1.73
C TYR A 611 -15.29 27.50 1.73
N GLN A 612 -14.28 28.29 1.36
CA GLN A 612 -14.48 29.72 1.18
C GLN A 612 -15.51 29.97 0.09
N ASN A 613 -15.37 29.30 -1.05
CA ASN A 613 -16.31 29.48 -2.15
C ASN A 613 -17.72 29.08 -1.75
N TYR A 614 -17.85 28.06 -0.91
CA TYR A 614 -19.17 27.63 -0.45
C TYR A 614 -19.80 28.68 0.45
N ILE A 615 -19.04 29.18 1.43
CA ILE A 615 -19.57 30.21 2.32
C ILE A 615 -20.01 31.42 1.51
N LYS A 616 -19.30 31.74 0.44
CA LYS A 616 -19.66 32.90 -0.37
C LYS A 616 -21.03 32.70 -1.00
N LYS A 617 -21.26 31.54 -1.60
CA LYS A 617 -22.53 31.29 -2.27
C LYS A 617 -23.66 30.95 -1.31
N ASN A 618 -23.36 30.48 -0.11
CA ASN A 618 -24.38 30.00 0.80
C ASN A 618 -24.37 30.68 2.16
N GLY A 619 -23.20 30.95 2.73
CA GLY A 619 -23.09 31.66 3.98
C GLY A 619 -22.70 30.74 5.14
N GLU A 620 -22.62 31.36 6.32
CA GLU A 620 -22.20 30.67 7.52
C GLU A 620 -23.27 29.69 7.99
N GLU A 621 -22.88 28.47 8.28
CA GLU A 621 -23.76 27.56 8.99
C GLU A 621 -23.55 27.74 10.50
N LYS A 622 -24.51 27.25 11.28
CA LYS A 622 -24.47 27.49 12.71
C LYS A 622 -23.24 26.83 13.33
N LEU A 623 -22.77 27.42 14.43
CA LEU A 623 -21.60 26.91 15.11
C LEU A 623 -21.96 25.71 15.97
N LEU A 624 -20.92 24.93 16.35
CA LEU A 624 -21.13 23.76 17.17
C LEU A 624 -21.12 24.13 18.65
N PRO A 625 -21.83 23.39 19.49
CA PRO A 625 -21.87 23.70 20.92
C PRO A 625 -20.62 23.22 21.64
N GLY A 626 -20.35 23.85 22.78
CA GLY A 626 -19.24 23.47 23.63
C GLY A 626 -17.87 23.76 23.07
N LEU A 627 -17.79 24.47 21.95
CA LEU A 627 -16.51 24.76 21.29
C LEU A 627 -16.40 26.27 21.08
N ASP A 628 -15.36 26.87 21.67
CA ASP A 628 -15.10 28.28 21.49
C ASP A 628 -14.35 28.50 20.18
N LEU A 629 -14.85 27.91 19.10
CA LEU A 629 -14.17 27.92 17.81
C LEU A 629 -15.15 28.29 16.72
N ASN A 630 -14.68 29.09 15.76
CA ASN A 630 -15.47 29.41 14.58
C ASN A 630 -15.26 28.32 13.54
N HIS A 631 -15.98 28.43 12.41
CA HIS A 631 -15.97 27.35 11.44
C HIS A 631 -14.67 27.27 10.64
N LYS A 632 -13.93 28.38 10.52
CA LYS A 632 -12.62 28.29 9.91
C LYS A 632 -11.67 27.47 10.77
N GLN A 633 -11.73 27.65 12.10
CA GLN A 633 -10.90 26.86 12.99
C GLN A 633 -11.37 25.41 13.06
N LEU A 634 -12.68 25.18 12.97
CA LEU A 634 -13.21 23.83 12.93
C LEU A 634 -12.72 23.09 11.69
N PHE A 635 -12.60 23.81 10.57
CA PHE A 635 -12.05 23.22 9.36
C PHE A 635 -10.69 22.59 9.64
N PHE A 636 -9.79 23.35 10.25
CA PHE A 636 -8.43 22.86 10.50
C PHE A 636 -8.41 21.81 11.61
N LEU A 637 -9.26 21.97 12.62
CA LEU A 637 -9.28 21.00 13.71
C LEU A 637 -9.61 19.61 13.18
N ASN A 638 -10.68 19.50 12.39
CA ASN A 638 -11.10 18.19 11.89
C ASN A 638 -10.04 17.60 10.96
N PHE A 639 -9.42 18.44 10.13
CA PHE A 639 -8.32 17.96 9.29
C PHE A 639 -7.20 17.37 10.13
N ALA A 640 -6.82 18.04 11.23
CA ALA A 640 -5.77 17.51 12.09
C ALA A 640 -6.23 16.25 12.80
N GLN A 641 -7.50 16.19 13.22
CA GLN A 641 -7.99 15.02 13.94
C GLN A 641 -8.12 13.80 13.04
N VAL A 642 -8.07 13.98 11.72
CA VAL A 642 -8.01 12.82 10.82
C VAL A 642 -6.74 12.02 11.08
N TRP A 643 -5.67 12.68 11.52
CA TRP A 643 -4.37 12.03 11.67
C TRP A 643 -3.99 11.74 13.12
N CYS A 644 -4.90 11.93 14.06
CA CYS A 644 -4.59 11.55 15.44
C CYS A 644 -4.17 10.10 15.48
N GLY A 645 -2.93 9.86 15.88
CA GLY A 645 -2.42 8.51 15.96
C GLY A 645 -1.02 8.50 16.54
N THR A 646 -0.47 7.30 16.62
CA THR A 646 0.86 7.13 17.20
C THR A 646 1.40 5.78 16.75
N TYR A 647 2.72 5.63 16.85
CA TYR A 647 3.43 4.47 16.34
C TYR A 647 4.18 3.79 17.46
N ARG A 648 4.39 2.48 17.31
CA ARG A 648 5.36 1.78 18.14
C ARG A 648 6.77 2.12 17.65
N PRO A 649 7.74 2.20 18.57
CA PRO A 649 9.12 2.50 18.13
C PRO A 649 9.63 1.55 17.06
N GLU A 650 9.40 0.25 17.25
CA GLU A 650 9.87 -0.72 16.27
C GLU A 650 9.30 -0.43 14.89
N TYR A 651 8.03 -0.03 14.82
CA TYR A 651 7.42 0.25 13.52
C TYR A 651 7.75 1.64 13.00
N ALA A 652 7.99 2.61 13.89
CA ALA A 652 8.50 3.90 13.44
C ALA A 652 9.79 3.72 12.65
N VAL A 653 10.70 2.88 13.15
CA VAL A 653 11.91 2.53 12.42
C VAL A 653 11.56 1.92 11.07
N ASN A 654 10.52 1.08 11.04
CA ASN A 654 10.10 0.43 9.81
C ASN A 654 9.50 1.45 8.84
N SER A 655 8.57 2.27 9.31
CA SER A 655 7.81 3.15 8.42
C SER A 655 8.64 4.33 7.93
N ILE A 656 9.64 4.77 8.70
CA ILE A 656 10.44 5.90 8.24
C ILE A 656 11.26 5.53 7.02
N LYS A 657 11.45 4.23 6.76
CA LYS A 657 12.10 3.78 5.54
C LYS A 657 11.13 3.35 4.45
N THR A 658 10.01 2.72 4.83
CA THR A 658 9.13 2.08 3.85
C THR A 658 7.85 2.85 3.55
N ASP A 659 7.47 3.81 4.38
CA ASP A 659 6.24 4.55 4.15
C ASP A 659 6.55 5.82 3.37
N VAL A 660 5.94 5.97 2.20
CA VAL A 660 6.09 7.18 1.41
C VAL A 660 5.36 8.37 2.02
N HIS A 661 4.50 8.13 3.01
CA HIS A 661 3.83 9.21 3.72
C HIS A 661 4.68 9.67 4.88
N SER A 662 4.51 10.93 5.26
CA SER A 662 5.02 11.38 6.55
C SER A 662 4.17 10.78 7.66
N PRO A 663 4.75 10.59 8.85
CA PRO A 663 3.91 10.21 10.00
C PRO A 663 2.83 11.25 10.23
N GLY A 664 1.69 10.79 10.74
CA GLY A 664 0.53 11.67 10.86
C GLY A 664 0.83 12.99 11.54
N ASN A 665 1.62 12.96 12.62
CA ASN A 665 1.89 14.20 13.36
C ASN A 665 2.61 15.22 12.49
N PHE A 666 3.53 14.77 11.64
CA PHE A 666 4.30 15.68 10.80
C PHE A 666 3.55 16.08 9.54
N ARG A 667 2.54 15.30 9.13
CA ARG A 667 1.64 15.76 8.09
C ARG A 667 0.87 16.98 8.55
N ILE A 668 0.47 17.01 9.82
CA ILE A 668 -0.26 18.14 10.37
C ILE A 668 0.65 19.36 10.48
N ILE A 669 1.83 19.19 11.10
CA ILE A 669 2.69 20.34 11.37
C ILE A 669 3.28 20.89 10.07
N GLY A 670 3.79 20.00 9.22
CA GLY A 670 4.34 20.47 7.96
C GLY A 670 3.33 21.21 7.12
N THR A 671 2.11 20.68 7.03
CA THR A 671 1.09 21.28 6.19
C THR A 671 0.62 22.62 6.75
N LEU A 672 0.38 22.69 8.05
CA LEU A 672 -0.12 23.92 8.66
C LEU A 672 0.98 24.98 8.75
N GLN A 673 2.24 24.56 8.89
CA GLN A 673 3.33 25.53 8.86
C GLN A 673 3.37 26.29 7.55
N ASN A 674 2.98 25.65 6.46
CA ASN A 674 2.99 26.28 5.14
C ASN A 674 1.70 26.99 4.80
N SER A 675 0.73 27.04 5.72
CA SER A 675 -0.59 27.60 5.47
C SER A 675 -0.74 28.90 6.26
N ALA A 676 -0.71 30.03 5.54
CA ALA A 676 -1.01 31.30 6.19
C ALA A 676 -2.45 31.34 6.69
N GLU A 677 -3.34 30.60 6.04
CA GLU A 677 -4.74 30.59 6.43
C GLU A 677 -4.94 29.95 7.80
N PHE A 678 -4.15 28.93 8.12
CA PHE A 678 -4.19 28.38 9.48
C PHE A 678 -3.77 29.41 10.51
N SER A 679 -2.61 30.03 10.30
CA SER A 679 -2.12 31.04 11.23
C SER A 679 -3.10 32.20 11.34
N GLU A 680 -3.70 32.59 10.22
CA GLU A 680 -4.74 33.62 10.24
C GLU A 680 -5.91 33.19 11.12
N ALA A 681 -6.39 31.96 10.94
CA ALA A 681 -7.55 31.49 11.69
C ALA A 681 -7.27 31.46 13.19
N PHE A 682 -6.08 31.02 13.58
CA PHE A 682 -5.71 30.88 14.98
C PHE A 682 -4.83 32.02 15.49
N HIS A 683 -4.81 33.15 14.77
CA HIS A 683 -4.09 34.35 15.19
C HIS A 683 -2.73 34.01 15.79
N CYS A 684 -1.90 33.36 14.97
CA CYS A 684 -0.62 32.85 15.43
C CYS A 684 0.46 33.91 15.29
N ARG A 685 1.24 34.10 16.35
CA ARG A 685 2.37 35.00 16.32
C ARG A 685 3.30 34.63 15.18
N LYS A 686 4.12 35.58 14.77
CA LYS A 686 5.06 35.36 13.68
C LYS A 686 6.28 34.62 14.22
N ASN A 687 6.73 33.62 13.47
CA ASN A 687 7.84 32.75 13.82
C ASN A 687 7.56 31.91 15.06
N SER A 688 6.30 31.81 15.47
CA SER A 688 5.90 30.69 16.31
C SER A 688 6.12 29.40 15.54
N TYR A 689 6.15 28.28 16.27
CA TYR A 689 6.51 27.02 15.62
C TYR A 689 5.56 26.70 14.46
N MET A 690 4.27 27.00 14.63
CA MET A 690 3.28 26.66 13.62
C MET A 690 3.16 27.70 12.51
N ASN A 691 3.83 28.84 12.64
CA ASN A 691 3.74 29.91 11.64
C ASN A 691 5.15 30.42 11.31
N PRO A 692 5.97 29.58 10.68
CA PRO A 692 7.26 30.07 10.19
C PRO A 692 7.07 31.07 9.07
N GLU A 693 7.90 32.13 9.07
CA GLU A 693 7.78 33.13 8.02
C GLU A 693 8.08 32.54 6.65
N LYS A 694 8.98 31.57 6.58
CA LYS A 694 9.27 30.87 5.33
C LYS A 694 8.28 29.72 5.16
N LYS A 695 7.50 29.77 4.09
CA LYS A 695 6.46 28.79 3.84
C LYS A 695 6.61 28.22 2.44
N CYS A 696 6.43 26.91 2.33
CA CYS A 696 6.54 26.21 1.07
C CYS A 696 5.20 26.23 0.34
N ARG A 697 5.26 26.08 -0.98
CA ARG A 697 4.05 25.91 -1.77
C ARG A 697 4.36 25.45 -3.18
N VAL A 698 3.66 24.42 -3.63
CA VAL A 698 3.70 24.00 -5.03
C VAL A 698 2.31 24.29 -5.61
N TRP A 699 1.34 23.44 -5.28
CA TRP A 699 -0.03 23.65 -5.73
C TRP A 699 -0.84 24.36 -4.65
ZN ZN B . -1.17 10.18 -1.26
C01 D0Z C . -0.46 3.00 -6.67
C06 D0Z C . -0.77 4.41 -2.77
C07 D0Z C . 0.52 4.86 -2.04
C08 D0Z C . 0.42 4.56 -0.52
C09 D0Z C . -0.19 3.19 -0.22
C10 D0Z C . -0.77 3.09 1.20
C12 D0Z C . -2.04 5.19 -2.30
C15 D0Z C . -3.80 5.64 -0.54
C16 D0Z C . -3.39 6.91 0.26
C17 D0Z C . -4.67 7.52 0.89
C18 D0Z C . -4.42 8.63 1.95
C19 D0Z C . -5.94 8.97 2.62
C20 D0Z C . -5.85 10.25 3.09
C21 D0Z C . -4.80 10.97 2.10
C22 D0Z C . -3.98 9.78 1.39
C23 D0Z C . -3.49 8.17 3.08
C26 D0Z C . -2.95 6.41 4.88
C27 D0Z C . -4.02 6.09 5.95
C28 D0Z C . -3.44 5.79 7.35
C29 D0Z C . -2.91 6.82 8.11
C30 D0Z C . -2.41 6.55 9.38
C31 D0Z C . -2.44 5.25 9.87
C32 D0Z C . -2.97 4.23 9.12
C33 D0Z C . -3.48 4.49 7.84
C35 D0Z C . -2.10 5.19 4.51
C38 D0Z C . -2.67 7.90 -0.65
N05 D0Z C . -0.63 4.53 -4.21
N11 D0Z C . -1.91 2.20 1.23
N14 D0Z C . -2.60 4.90 -0.95
N25 D0Z C . -3.77 6.89 3.74
O03 D0Z C . -2.78 3.74 -5.50
O04 D0Z C . -1.65 2.13 -4.38
O13 D0Z C . -2.56 6.00 -3.00
O24 D0Z C . -2.57 8.84 3.41
O34 D0Z C . -1.93 4.99 11.14
O36 D0Z C . -0.95 5.04 5.01
O37 D0Z C . -2.56 4.32 3.72
O39 D0Z C . -1.43 8.08 -0.51
O40 D0Z C . -3.30 8.54 -1.54
S02 D0Z C . -1.42 3.34 -5.17
C1 NAG D . -13.97 -27.26 11.75
C2 NAG D . -15.49 -27.33 11.89
C3 NAG D . -15.90 -28.66 12.52
C4 NAG D . -15.29 -29.83 11.76
C5 NAG D . -13.79 -29.65 11.62
C6 NAG D . -13.13 -30.72 10.77
C7 NAG D . -17.09 -25.55 12.43
C8 NAG D . -17.43 -24.43 13.37
N2 NAG D . -15.97 -26.22 12.70
O3 NAG D . -17.33 -28.76 12.51
O4 NAG D . -15.55 -31.05 12.46
O5 NAG D . -13.51 -28.39 10.98
O6 NAG D . -13.49 -30.58 9.41
O7 NAG D . -17.81 -25.83 11.48
H2 NAG D . -15.89 -27.28 11.01
H3 NAG D . -15.59 -28.69 13.45
H4 NAG D . -15.70 -29.87 10.87
H5 NAG D . -13.38 -29.65 12.51
H61 NAG D . -13.42 -31.59 11.09
H62 NAG D . -12.16 -30.65 10.86
H81 NAG D . -18.21 -23.94 13.04
H82 NAG D . -16.67 -23.82 13.45
H83 NAG D . -17.64 -24.79 14.25
HN2 NAG D . -15.47 -25.97 13.42
HO3 NAG D . -17.57 -29.57 12.79
HO4 NAG D . -15.42 -31.74 11.91
HO6 NAG D . -13.62 -29.73 9.21
C1 NAG E . 27.20 -2.58 -2.56
C2 NAG E . 28.57 -3.16 -2.25
C3 NAG E . 29.66 -2.21 -2.73
C4 NAG E . 29.47 -1.89 -4.20
C5 NAG E . 28.06 -1.35 -4.44
C6 NAG E . 27.76 -1.12 -5.91
C7 NAG E . 29.01 -4.65 -0.35
C8 NAG E . 29.13 -4.76 1.14
N2 NAG E . 28.72 -3.44 -0.83
O3 NAG E . 30.94 -2.81 -2.53
O4 NAG E . 30.43 -0.92 -4.62
O5 NAG E . 27.09 -2.29 -3.97
O6 NAG E . 28.03 -2.27 -6.68
O7 NAG E . 29.18 -5.62 -1.09
H2 NAG E . 28.67 -4.00 -2.75
H3 NAG E . 29.62 -1.39 -2.21
H4 NAG E . 29.60 -2.71 -4.73
H5 NAG E . 27.96 -0.52 -3.95
H61 NAG E . 28.32 -0.38 -6.22
H62 NAG E . 26.83 -0.88 -6.00
H81 NAG E . 29.29 -5.68 1.39
H82 NAG E . 28.30 -4.45 1.55
H83 NAG E . 29.87 -4.20 1.45
HN2 NAG E . 28.61 -2.75 -0.24
HO3 NAG E . 31.29 -3.06 -3.31
HO4 NAG E . 30.54 -0.97 -5.50
HO6 NAG E . 27.72 -2.99 -6.26
C1 NAG F . 13.28 -24.22 -20.77
C2 NAG F . 12.15 -24.92 -21.56
C3 NAG F . 11.91 -26.32 -20.99
C4 NAG F . 13.20 -27.11 -20.94
C5 NAG F . 14.25 -26.33 -20.16
C6 NAG F . 15.60 -27.02 -20.13
C7 NAG F . 10.44 -23.48 -22.58
C8 NAG F . 9.15 -22.74 -22.36
N2 NAG F . 10.92 -24.14 -21.52
O3 NAG F . 10.95 -26.99 -21.81
O4 NAG F . 12.98 -28.37 -20.31
O5 NAG F . 14.45 -25.05 -20.76
O6 NAG F . 16.48 -26.42 -19.20
O7 NAG F . 11.01 -23.47 -23.66
H2 NAG F . 12.44 -25.01 -22.48
H3 NAG F . 11.55 -26.24 -20.09
H4 NAG F . 13.53 -27.27 -21.85
H5 NAG F . 13.95 -26.22 -19.23
H61 NAG F . 15.99 -26.97 -21.03
H62 NAG F . 15.48 -27.96 -19.90
H81 NAG F . 8.81 -22.42 -23.21
H82 NAG F . 9.32 -21.99 -21.76
H83 NAG F . 8.50 -23.34 -21.95
HN2 NAG F . 10.46 -24.10 -20.73
HO3 NAG F . 10.66 -27.72 -21.38
HO4 NAG F . 13.44 -29.00 -20.74
HO6 NAG F . 17.22 -26.89 -19.14
C1 NAG G . 17.22 21.30 6.58
C2 NAG G . 17.77 20.31 5.54
C3 NAG G . 19.03 20.87 4.89
C4 NAG G . 18.76 22.26 4.33
C5 NAG G . 18.19 23.17 5.41
C6 NAG G . 17.79 24.53 4.89
C7 NAG G . 17.58 17.86 5.65
C8 NAG G . 17.97 16.63 6.41
N2 NAG G . 18.04 19.01 6.14
O3 NAG G . 19.47 20.00 3.86
O4 NAG G . 19.97 22.83 3.83
O5 NAG G . 17.01 22.57 5.97
O6 NAG G . 17.19 24.45 3.61
O7 NAG G . 16.90 17.81 4.64
H2 NAG G . 17.10 20.19 4.84
H3 NAG G . 19.74 20.94 5.57
H4 NAG G . 18.13 22.19 3.60
H5 NAG G . 18.85 23.28 6.12
H61 NAG G . 18.59 25.09 4.84
H62 NAG G . 17.17 24.93 5.52
H81 NAG G . 17.49 15.85 6.04
H82 NAG G . 17.72 16.73 7.34
H83 NAG G . 18.92 16.48 6.33
HN2 NAG G . 18.55 18.99 6.90
HO3 NAG G . 20.05 20.43 3.33
HO4 NAG G . 19.78 23.57 3.38
HO6 NAG G . 16.84 25.23 3.40
C1 EDO H . 1.42 -8.87 11.13
O1 EDO H . 2.27 -10.00 11.39
C2 EDO H . 1.92 -8.12 9.90
O2 EDO H . 1.32 -6.82 9.86
H11 EDO H . 0.39 -9.22 10.95
H12 EDO H . 1.40 -8.20 11.99
HO1 EDO H . 1.94 -10.46 12.17
H21 EDO H . 1.67 -8.67 8.99
H22 EDO H . 3.01 -8.03 9.95
HO2 EDO H . 1.65 -6.34 9.08
C1 EDO I . -7.98 -4.01 17.69
O1 EDO I . -8.14 -5.44 17.76
C2 EDO I . -8.76 -3.35 18.81
O2 EDO I . -8.29 -3.80 20.09
H11 EDO I . -6.92 -3.76 17.79
H12 EDO I . -8.33 -3.65 16.73
HO1 EDO I . -7.61 -5.85 17.07
H21 EDO I . -8.66 -2.27 18.75
H22 EDO I . -9.83 -3.59 18.70
HO2 EDO I . -8.78 -3.36 20.79
C1 EDO J . -4.77 -17.34 9.59
O1 EDO J . -4.99 -16.00 9.13
C2 EDO J . -6.12 -18.01 9.82
O2 EDO J . -5.99 -19.08 10.76
H11 EDO J . -4.20 -17.32 10.52
H12 EDO J . -4.20 -17.89 8.86
HO1 EDO J . -4.14 -15.53 9.09
H21 EDO J . -6.84 -17.28 10.19
H22 EDO J . -6.50 -18.39 8.87
HO2 EDO J . -6.86 -19.49 10.91
#